data_7BN9
#
_entry.id   7BN9
#
_cell.length_a   54.624
_cell.length_b   108.684
_cell.length_c   238.691
_cell.angle_alpha   90.000
_cell.angle_beta   90.000
_cell.angle_gamma   90.000
#
_symmetry.space_group_name_H-M   'P 21 21 21'
#
loop_
_entity.id
_entity.type
_entity.pdbx_description
1 polymer 'Penicillin-binding protein 3'
2 water water
#
_entity_poly.entity_id   1
_entity_poly.type   'polypeptide(L)'
_entity_poly.pdbx_seq_one_letter_code
;MGSSHHHHHHSSGLVPRGSHMWDRMEAFVKQWNDQQFDDMYQSLTKDVKKEISKKDFVNRYKAIYEQAGVKNLKVTAGEV
DKDDQDNKTMKHIPYKVSMNTNAGKVSFKNTAVLKLEKTDDEESWNIDWDPSFIFKQLADDKTVQIMSIEPKRGQIYDKN
GKGLAVNTDVPEIGIVPGELGDKKEKVIKELAKKLDLTEDDIKKKLDQGWVKDDSFVPLKKVKPDQEKLVSEATSLQGVT
RTNVSSRYYPYGEKTAHLTGYVRAITAEELKKKKEGTYSDTSNIGIAGLENVYEDKLRGTTGWKIYVPQTGEVIAEKKAK
DGEDLHLTIDIKTQMKLYDELKDDSGAAVALQPKTGETLALVSAPSYDPNGFIFGWSDKEWKKLNKDKNNPFSAKFNKTY
APGSTIKPIAAAIGIKNGTLKADEKKTIKGKEWQKDSSWGGYSVTRVSERLQQVDLENALITSDNIYFAQNALDMGADTF
TKGLKTFGFSEDVPYEFPIQKSSIANDKLDSDILLADTGYGQGQMQMSPLHLATAYTPFVDNGDLVKPTLIKKDSQTADV
WHKQVVTKEGAADITKGLKGVVEDERGSAYQPVVKGITVAGKTGTAELKTSKDDKDGTENGWFVGYDYENKDLLVAMMIQ
NVQDRGGSHYVVEKAKKQFQSN
;
_entity_poly.pdbx_strand_id   A,B
#
# COMPACT_ATOMS: atom_id res chain seq x y z
N TRP A 22 -22.95 -25.16 -44.96
CA TRP A 22 -24.38 -25.30 -44.72
C TRP A 22 -24.77 -24.85 -43.32
N ASP A 23 -26.02 -24.40 -43.18
CA ASP A 23 -26.45 -23.75 -41.95
C ASP A 23 -26.39 -24.69 -40.75
N ARG A 24 -26.86 -25.93 -40.91
CA ARG A 24 -26.87 -26.85 -39.77
C ARG A 24 -25.46 -27.12 -39.27
N MET A 25 -24.51 -27.31 -40.20
CA MET A 25 -23.14 -27.60 -39.79
C MET A 25 -22.50 -26.40 -39.09
N GLU A 26 -22.70 -25.21 -39.64
CA GLU A 26 -22.15 -24.00 -39.01
C GLU A 26 -22.74 -23.81 -37.61
N ALA A 27 -24.04 -24.05 -37.45
CA ALA A 27 -24.66 -23.90 -36.14
C ALA A 27 -24.13 -24.93 -35.15
N PHE A 28 -23.97 -26.18 -35.61
CA PHE A 28 -23.42 -27.22 -34.75
C PHE A 28 -22.00 -26.86 -34.30
N VAL A 29 -21.19 -26.33 -35.23
CA VAL A 29 -19.81 -25.97 -34.90
C VAL A 29 -19.78 -24.78 -33.94
N LYS A 30 -20.68 -23.81 -34.12
CA LYS A 30 -20.75 -22.69 -33.18
C LYS A 30 -21.13 -23.18 -31.80
N GLN A 31 -22.14 -24.04 -31.72
CA GLN A 31 -22.55 -24.60 -30.43
C GLN A 31 -21.42 -25.37 -29.76
N TRP A 32 -20.59 -26.05 -30.55
CA TRP A 32 -19.54 -26.88 -29.97
C TRP A 32 -18.30 -26.07 -29.59
N ASN A 33 -17.96 -25.05 -30.38
CA ASN A 33 -16.95 -24.08 -29.93
C ASN A 33 -17.38 -23.39 -28.64
N ASP A 34 -18.66 -23.04 -28.54
CA ASP A 34 -19.19 -22.46 -27.32
C ASP A 34 -19.53 -23.52 -26.29
N GLN A 35 -19.34 -24.79 -26.64
CA GLN A 35 -19.34 -25.88 -25.66
C GLN A 35 -20.72 -26.10 -25.05
N GLN A 36 -21.77 -25.75 -25.81
CA GLN A 36 -23.16 -25.95 -25.42
C GLN A 36 -23.61 -27.30 -25.93
N PHE A 37 -23.45 -28.33 -25.10
CA PHE A 37 -23.66 -29.70 -25.57
C PHE A 37 -25.14 -30.03 -25.70
N ASP A 38 -25.99 -29.39 -24.90
CA ASP A 38 -27.42 -29.61 -25.02
C ASP A 38 -27.94 -29.13 -26.38
N ASP A 39 -27.48 -27.96 -26.81
CA ASP A 39 -27.78 -27.50 -28.16
C ASP A 39 -27.20 -28.46 -29.21
N MET A 40 -26.07 -29.08 -28.92
CA MET A 40 -25.46 -30.02 -29.87
C MET A 40 -26.30 -31.26 -30.04
N TYR A 41 -26.82 -31.82 -28.94
CA TYR A 41 -27.57 -33.08 -29.01
C TYR A 41 -28.74 -32.99 -29.97
N GLN A 42 -29.29 -31.78 -30.17
CA GLN A 42 -30.52 -31.64 -30.93
C GLN A 42 -30.32 -31.89 -32.41
N SER A 43 -29.10 -31.77 -32.90
CA SER A 43 -28.81 -31.89 -34.33
C SER A 43 -28.41 -33.30 -34.73
N LEU A 44 -28.52 -34.28 -33.84
CA LEU A 44 -28.00 -35.62 -34.13
C LEU A 44 -29.04 -36.45 -34.89
N THR A 45 -28.55 -37.48 -35.57
CA THR A 45 -29.41 -38.33 -36.38
C THR A 45 -30.34 -39.15 -35.50
N LYS A 46 -31.40 -39.67 -36.13
CA LYS A 46 -32.42 -40.42 -35.41
C LYS A 46 -31.82 -41.66 -34.75
N ASP A 47 -30.90 -42.34 -35.44
CA ASP A 47 -30.24 -43.50 -34.87
C ASP A 47 -29.50 -43.15 -33.59
N VAL A 48 -28.70 -42.08 -33.62
CA VAL A 48 -27.90 -41.71 -32.46
C VAL A 48 -28.79 -41.23 -31.32
N LYS A 49 -29.94 -40.63 -31.63
CA LYS A 49 -30.92 -40.30 -30.59
C LYS A 49 -31.29 -41.55 -29.80
N LYS A 50 -31.55 -42.65 -30.48
CA LYS A 50 -31.63 -43.93 -29.81
C LYS A 50 -30.22 -44.36 -29.35
N GLU A 51 -30.19 -45.18 -28.31
CA GLU A 51 -28.95 -45.74 -27.77
C GLU A 51 -28.11 -44.71 -27.01
N ILE A 52 -28.32 -43.42 -27.27
CA ILE A 52 -27.64 -42.36 -26.50
C ILE A 52 -28.69 -41.32 -26.12
N SER A 53 -29.00 -41.23 -24.84
CA SER A 53 -29.93 -40.21 -24.36
C SER A 53 -29.21 -38.86 -24.22
N LYS A 54 -29.99 -37.78 -24.33
CA LYS A 54 -29.42 -36.44 -24.16
C LYS A 54 -28.68 -36.32 -22.83
N LYS A 55 -29.27 -36.90 -21.77
CA LYS A 55 -28.59 -36.93 -20.48
C LYS A 55 -27.18 -37.49 -20.60
N ASP A 56 -27.04 -38.66 -21.24
CA ASP A 56 -25.75 -39.32 -21.29
C ASP A 56 -24.78 -38.59 -22.22
N PHE A 57 -25.28 -38.09 -23.35
CA PHE A 57 -24.48 -37.27 -24.24
C PHE A 57 -23.86 -36.08 -23.50
N VAL A 58 -24.72 -35.28 -22.86
CA VAL A 58 -24.29 -34.07 -22.18
C VAL A 58 -23.37 -34.41 -21.00
N ASN A 59 -23.71 -35.45 -20.24
CA ASN A 59 -22.89 -35.83 -19.09
C ASN A 59 -21.51 -36.28 -19.55
N ARG A 60 -21.43 -37.05 -20.63
CA ARG A 60 -20.14 -37.56 -21.06
C ARG A 60 -19.25 -36.43 -21.53
N TYR A 61 -19.79 -35.53 -22.38
CA TYR A 61 -19.00 -34.36 -22.78
C TYR A 61 -18.55 -33.56 -21.56
N LYS A 62 -19.48 -33.23 -20.66
CA LYS A 62 -19.10 -32.38 -19.54
C LYS A 62 -18.04 -33.04 -18.67
N ALA A 63 -18.21 -34.32 -18.36
CA ALA A 63 -17.23 -35.03 -17.52
C ALA A 63 -15.86 -35.04 -18.18
N ILE A 64 -15.79 -35.44 -19.45
CA ILE A 64 -14.48 -35.54 -20.11
C ILE A 64 -13.82 -34.16 -20.20
N TYR A 65 -14.55 -33.16 -20.70
CA TYR A 65 -13.94 -31.83 -20.86
C TYR A 65 -13.56 -31.22 -19.51
N GLU A 66 -14.37 -31.43 -18.48
CA GLU A 66 -14.07 -30.88 -17.16
C GLU A 66 -12.83 -31.53 -16.57
N GLN A 67 -12.80 -32.86 -16.54
CA GLN A 67 -11.70 -33.55 -15.87
C GLN A 67 -10.40 -33.41 -16.65
N ALA A 68 -10.46 -33.40 -17.98
CA ALA A 68 -9.25 -33.18 -18.77
C ALA A 68 -8.82 -31.73 -18.80
N GLY A 69 -9.69 -30.80 -18.38
CA GLY A 69 -9.35 -29.39 -18.38
C GLY A 69 -9.42 -28.74 -19.75
N VAL A 70 -10.35 -29.21 -20.59
CA VAL A 70 -10.41 -28.75 -21.97
C VAL A 70 -10.76 -27.26 -22.02
N LYS A 71 -9.86 -26.47 -22.59
CA LYS A 71 -10.09 -25.04 -22.80
C LYS A 71 -9.43 -24.65 -24.11
N ASN A 72 -9.67 -23.41 -24.53
CA ASN A 72 -9.13 -22.88 -25.79
C ASN A 72 -9.61 -23.70 -26.97
N LEU A 73 -10.85 -24.17 -26.91
CA LEU A 73 -11.38 -25.08 -27.91
C LEU A 73 -11.63 -24.37 -29.23
N LYS A 74 -11.10 -24.93 -30.32
CA LYS A 74 -11.33 -24.42 -31.66
C LYS A 74 -11.72 -25.57 -32.58
N VAL A 75 -12.96 -25.53 -33.08
CA VAL A 75 -13.46 -26.49 -34.05
C VAL A 75 -13.75 -25.73 -35.34
N THR A 76 -13.19 -26.19 -36.45
CA THR A 76 -13.34 -25.54 -37.74
C THR A 76 -13.71 -26.56 -38.80
N ALA A 77 -14.65 -26.19 -39.68
CA ALA A 77 -15.21 -27.10 -40.66
C ALA A 77 -14.61 -26.85 -42.05
N GLY A 78 -14.55 -27.91 -42.85
CA GLY A 78 -13.98 -27.84 -44.19
C GLY A 78 -14.99 -27.73 -45.31
N GLU A 79 -14.84 -28.54 -46.35
CA GLU A 79 -15.67 -28.45 -47.55
C GLU A 79 -16.18 -29.83 -47.95
N VAL A 80 -17.40 -29.85 -48.50
CA VAL A 80 -18.07 -31.07 -48.94
C VAL A 80 -17.32 -31.63 -50.16
N ASP A 81 -17.63 -32.87 -50.55
CA ASP A 81 -16.89 -33.49 -51.65
C ASP A 81 -17.75 -34.10 -52.77
N LYS A 82 -18.95 -34.60 -52.46
CA LYS A 82 -19.77 -35.30 -53.45
C LYS A 82 -21.18 -34.75 -53.47
N ASP A 83 -21.67 -34.42 -54.67
CA ASP A 83 -23.04 -33.94 -54.85
C ASP A 83 -23.82 -34.86 -55.80
N LYS A 88 -29.52 -35.54 -53.33
CA LYS A 88 -28.62 -36.30 -52.46
C LYS A 88 -29.03 -36.14 -50.99
N THR A 89 -28.90 -37.23 -50.23
CA THR A 89 -29.35 -37.26 -48.84
C THR A 89 -28.27 -37.65 -47.85
N MET A 90 -27.00 -37.64 -48.25
CA MET A 90 -25.90 -37.91 -47.34
C MET A 90 -24.67 -37.13 -47.79
N LYS A 91 -24.11 -36.34 -46.88
CA LYS A 91 -22.93 -35.53 -47.17
C LYS A 91 -21.84 -35.83 -46.14
N HIS A 92 -20.61 -35.52 -46.53
CA HIS A 92 -19.45 -35.65 -45.65
C HIS A 92 -18.76 -34.31 -45.57
N ILE A 93 -18.51 -33.83 -44.36
CA ILE A 93 -17.85 -32.54 -44.17
C ILE A 93 -16.65 -32.74 -43.24
N PRO A 94 -15.42 -32.68 -43.75
CA PRO A 94 -14.26 -32.80 -42.88
C PRO A 94 -14.16 -31.60 -41.95
N TYR A 95 -13.55 -31.83 -40.78
CA TYR A 95 -13.35 -30.77 -39.81
C TYR A 95 -12.10 -31.08 -39.01
N LYS A 96 -11.67 -30.11 -38.21
CA LYS A 96 -10.53 -30.30 -37.33
C LYS A 96 -10.85 -29.68 -35.97
N VAL A 97 -10.25 -30.25 -34.93
CA VAL A 97 -10.44 -29.82 -33.56
C VAL A 97 -9.06 -29.64 -32.95
N SER A 98 -8.84 -28.49 -32.31
CA SER A 98 -7.68 -28.30 -31.46
C SER A 98 -8.16 -27.80 -30.10
N MET A 99 -7.37 -28.09 -29.07
CA MET A 99 -7.77 -27.76 -27.71
C MET A 99 -6.54 -27.83 -26.82
N ASN A 100 -6.65 -27.20 -25.65
CA ASN A 100 -5.68 -27.32 -24.59
C ASN A 100 -6.27 -28.14 -23.46
N THR A 101 -5.52 -29.12 -22.99
CA THR A 101 -5.92 -29.99 -21.89
C THR A 101 -4.91 -29.83 -20.76
N ASN A 102 -5.22 -30.45 -19.62
CA ASN A 102 -4.26 -30.41 -18.51
C ASN A 102 -2.95 -31.09 -18.88
N ALA A 103 -2.95 -31.93 -19.91
CA ALA A 103 -1.77 -32.66 -20.32
C ALA A 103 -1.11 -32.06 -21.56
N GLY A 104 -1.66 -30.99 -22.11
CA GLY A 104 -1.07 -30.29 -23.24
C GLY A 104 -2.06 -30.08 -24.36
N LYS A 105 -1.54 -29.54 -25.46
CA LYS A 105 -2.33 -29.32 -26.67
C LYS A 105 -2.74 -30.66 -27.28
N VAL A 106 -3.97 -30.72 -27.79
CA VAL A 106 -4.48 -31.89 -28.48
C VAL A 106 -5.25 -31.44 -29.71
N SER A 107 -5.03 -32.13 -30.83
CA SER A 107 -5.71 -31.77 -32.07
C SER A 107 -5.87 -33.01 -32.93
N PHE A 108 -6.96 -33.04 -33.70
CA PHE A 108 -7.22 -34.17 -34.58
C PHE A 108 -8.11 -33.70 -35.73
N LYS A 109 -8.17 -34.52 -36.76
CA LYS A 109 -9.02 -34.29 -37.92
C LYS A 109 -10.00 -35.45 -38.07
N ASN A 110 -11.17 -35.17 -38.62
CA ASN A 110 -12.19 -36.19 -38.78
C ASN A 110 -13.20 -35.71 -39.81
N THR A 111 -14.20 -36.54 -40.09
CA THR A 111 -15.21 -36.24 -41.10
C THR A 111 -16.59 -36.52 -40.53
N ALA A 112 -17.45 -35.49 -40.51
CA ALA A 112 -18.81 -35.63 -40.01
C ALA A 112 -19.74 -36.03 -41.14
N VAL A 113 -20.57 -37.04 -40.89
CA VAL A 113 -21.58 -37.47 -41.84
C VAL A 113 -22.87 -36.70 -41.57
N LEU A 114 -23.37 -36.02 -42.59
CA LEU A 114 -24.61 -35.25 -42.51
C LEU A 114 -25.67 -35.96 -43.33
N LYS A 115 -26.67 -36.53 -42.66
CA LYS A 115 -27.78 -37.21 -43.31
C LYS A 115 -29.04 -36.37 -43.20
N LEU A 116 -29.75 -36.21 -44.32
CA LEU A 116 -31.04 -35.53 -44.33
C LEU A 116 -32.11 -36.51 -43.88
N GLU A 117 -32.93 -36.08 -42.92
CA GLU A 117 -33.88 -36.96 -42.27
C GLU A 117 -35.18 -36.23 -41.95
N LYS A 118 -36.30 -36.93 -42.12
CA LYS A 118 -37.61 -36.40 -41.81
C LYS A 118 -38.07 -36.96 -40.46
N THR A 119 -38.27 -36.08 -39.49
CA THR A 119 -38.91 -36.43 -38.22
C THR A 119 -40.23 -35.70 -38.13
N ASP A 120 -41.26 -36.42 -37.68
CA ASP A 120 -42.63 -35.92 -37.71
C ASP A 120 -43.00 -35.48 -39.13
N ASP A 121 -42.89 -34.18 -39.40
CA ASP A 121 -43.32 -33.66 -40.69
C ASP A 121 -42.36 -32.65 -41.31
N GLU A 122 -41.12 -32.59 -40.84
CA GLU A 122 -40.17 -31.62 -41.36
C GLU A 122 -38.79 -32.26 -41.48
N GLU A 123 -38.19 -32.14 -42.66
CA GLU A 123 -36.85 -32.64 -42.90
C GLU A 123 -35.80 -31.71 -42.30
N SER A 124 -34.58 -32.23 -42.16
CA SER A 124 -33.45 -31.46 -41.68
C SER A 124 -32.16 -32.25 -41.79
N TRP A 125 -31.03 -31.56 -41.98
CA TRP A 125 -29.73 -32.24 -42.02
C TRP A 125 -29.21 -32.44 -40.61
N ASN A 126 -28.84 -33.68 -40.29
CA ASN A 126 -28.47 -34.06 -38.93
C ASN A 126 -27.11 -34.75 -38.94
N ILE A 127 -26.32 -34.49 -37.90
CA ILE A 127 -24.95 -35.01 -37.79
C ILE A 127 -24.98 -36.40 -37.18
N ASP A 128 -24.31 -37.35 -37.84
CA ASP A 128 -24.29 -38.74 -37.37
C ASP A 128 -23.13 -38.90 -36.38
N TRP A 129 -23.38 -38.43 -35.15
CA TRP A 129 -22.36 -38.32 -34.12
C TRP A 129 -21.85 -39.69 -33.70
N ASP A 130 -20.61 -39.70 -33.19
CA ASP A 130 -20.04 -40.90 -32.58
C ASP A 130 -18.94 -40.47 -31.62
N PRO A 131 -18.51 -41.34 -30.69
CA PRO A 131 -17.58 -40.90 -29.65
C PRO A 131 -16.26 -40.34 -30.17
N SER A 132 -15.94 -40.52 -31.46
CA SER A 132 -14.70 -39.96 -31.97
C SER A 132 -14.72 -38.44 -32.05
N PHE A 133 -15.87 -37.80 -31.84
CA PHE A 133 -15.85 -36.34 -31.79
C PHE A 133 -15.32 -35.82 -30.47
N ILE A 134 -15.16 -36.67 -29.46
CA ILE A 134 -14.63 -36.26 -28.17
C ILE A 134 -13.11 -36.26 -28.27
N PHE A 135 -12.53 -37.46 -28.37
CA PHE A 135 -11.17 -37.64 -28.85
C PHE A 135 -11.23 -38.61 -30.02
N LYS A 136 -10.26 -38.49 -30.94
CA LYS A 136 -10.33 -39.28 -32.15
C LYS A 136 -10.16 -40.78 -31.87
N GLN A 137 -9.41 -41.12 -30.82
CA GLN A 137 -9.17 -42.54 -30.51
C GLN A 137 -10.43 -43.25 -30.03
N LEU A 138 -11.44 -42.52 -29.57
CA LEU A 138 -12.57 -43.16 -28.90
C LEU A 138 -13.49 -43.87 -29.89
N ALA A 139 -14.19 -44.88 -29.37
CA ALA A 139 -15.22 -45.60 -30.11
C ALA A 139 -16.18 -46.20 -29.09
N ASP A 140 -17.14 -46.99 -29.57
CA ASP A 140 -18.16 -47.54 -28.68
C ASP A 140 -17.63 -48.64 -27.76
N ASP A 141 -16.37 -49.05 -27.91
CA ASP A 141 -15.76 -50.00 -26.99
C ASP A 141 -14.52 -49.42 -26.30
N LYS A 142 -14.37 -48.10 -26.30
CA LYS A 142 -13.19 -47.46 -25.75
C LYS A 142 -13.58 -46.21 -24.97
N THR A 143 -12.94 -46.01 -23.81
CA THR A 143 -13.17 -44.87 -22.96
C THR A 143 -11.89 -44.05 -22.85
N VAL A 144 -11.90 -43.04 -21.99
CA VAL A 144 -10.73 -42.21 -21.72
C VAL A 144 -10.56 -42.08 -20.22
N GLN A 145 -9.31 -41.96 -19.79
CA GLN A 145 -8.92 -41.81 -18.40
C GLN A 145 -7.93 -40.65 -18.27
N ILE A 146 -8.08 -39.90 -17.19
CA ILE A 146 -7.27 -38.71 -16.91
C ILE A 146 -6.66 -38.92 -15.54
N MET A 147 -5.38 -39.24 -15.49
CA MET A 147 -4.69 -39.36 -14.20
C MET A 147 -3.73 -38.19 -14.03
N SER A 148 -3.41 -37.90 -12.77
CA SER A 148 -2.55 -36.78 -12.43
C SER A 148 -1.36 -37.26 -11.60
N ILE A 149 -0.30 -36.46 -11.63
CA ILE A 149 0.95 -36.76 -10.94
C ILE A 149 1.24 -35.58 -10.03
N GLU A 150 1.12 -35.79 -8.72
CA GLU A 150 1.34 -34.73 -7.77
C GLU A 150 2.84 -34.47 -7.62
N PRO A 151 3.29 -33.23 -7.74
CA PRO A 151 4.72 -32.93 -7.54
C PRO A 151 5.07 -32.95 -6.06
N LYS A 152 6.38 -32.95 -5.80
CA LYS A 152 6.86 -32.87 -4.43
C LYS A 152 6.75 -31.43 -3.95
N ARG A 153 6.07 -31.24 -2.82
CA ARG A 153 5.87 -29.90 -2.30
C ARG A 153 7.16 -29.38 -1.68
N GLY A 154 7.48 -28.11 -1.94
CA GLY A 154 8.61 -27.49 -1.29
C GLY A 154 8.45 -27.48 0.22
N GLN A 155 9.58 -27.37 0.91
CA GLN A 155 9.63 -27.47 2.35
C GLN A 155 9.96 -26.13 2.98
N ILE A 156 9.59 -25.98 4.26
CA ILE A 156 9.75 -24.74 5.01
C ILE A 156 10.74 -24.97 6.14
N TYR A 157 11.77 -24.14 6.19
CA TYR A 157 12.85 -24.27 7.17
C TYR A 157 12.97 -22.99 7.98
N ASP A 158 13.52 -23.10 9.19
CA ASP A 158 13.80 -21.90 9.96
C ASP A 158 15.17 -21.37 9.54
N LYS A 159 15.73 -20.42 10.31
CA LYS A 159 16.96 -19.77 9.89
C LYS A 159 18.17 -20.71 9.94
N ASN A 160 18.10 -21.79 10.72
CA ASN A 160 19.21 -22.72 10.86
C ASN A 160 18.96 -24.05 10.17
N GLY A 161 18.07 -24.09 9.18
CA GLY A 161 17.81 -25.31 8.45
C GLY A 161 16.94 -26.32 9.15
N LYS A 162 16.35 -25.98 10.29
CA LYS A 162 15.45 -26.89 10.99
C LYS A 162 14.10 -26.92 10.30
N GLY A 163 13.64 -28.13 9.95
CA GLY A 163 12.43 -28.29 9.17
C GLY A 163 11.16 -28.00 9.93
N LEU A 164 10.37 -27.04 9.42
CA LEU A 164 9.12 -26.63 10.04
C LEU A 164 7.89 -27.17 9.32
N ALA A 165 7.99 -27.38 8.00
CA ALA A 165 6.93 -28.02 7.21
C ALA A 165 7.66 -28.81 6.13
N VAL A 166 7.77 -30.13 6.32
CA VAL A 166 8.67 -30.96 5.53
C VAL A 166 7.90 -32.13 4.94
N ASN A 167 8.61 -32.95 4.17
CA ASN A 167 8.08 -34.17 3.58
C ASN A 167 8.87 -35.34 4.15
N THR A 168 8.16 -36.32 4.72
CA THR A 168 8.82 -37.47 5.32
C THR A 168 8.04 -38.73 4.98
N ASP A 169 8.69 -39.88 5.17
CA ASP A 169 8.07 -41.16 4.88
C ASP A 169 7.40 -41.70 6.13
N VAL A 170 6.08 -41.90 6.05
CA VAL A 170 5.26 -42.33 7.19
C VAL A 170 4.65 -43.68 6.87
N PRO A 171 4.31 -44.48 7.87
CA PRO A 171 3.74 -45.81 7.59
C PRO A 171 2.40 -45.73 6.90
N GLU A 172 2.12 -46.75 6.09
CA GLU A 172 0.85 -46.85 5.36
C GLU A 172 0.40 -48.30 5.44
N ILE A 173 -0.71 -48.53 6.14
CA ILE A 173 -1.28 -49.85 6.32
C ILE A 173 -2.26 -50.13 5.18
N GLY A 174 -2.19 -51.34 4.63
CA GLY A 174 -3.06 -51.72 3.54
C GLY A 174 -3.30 -53.21 3.51
N ILE A 175 -4.11 -53.64 2.55
CA ILE A 175 -4.47 -55.05 2.39
C ILE A 175 -4.07 -55.50 0.98
N VAL A 176 -3.43 -56.66 0.90
CA VAL A 176 -3.28 -57.39 -0.35
C VAL A 176 -4.40 -58.42 -0.41
N PRO A 177 -5.35 -58.30 -1.36
CA PRO A 177 -6.54 -59.15 -1.29
C PRO A 177 -6.26 -60.65 -1.34
N GLY A 178 -5.37 -61.09 -2.23
CA GLY A 178 -5.07 -62.50 -2.31
C GLY A 178 -4.57 -63.10 -1.02
N GLU A 179 -3.88 -62.30 -0.21
CA GLU A 179 -3.36 -62.77 1.07
C GLU A 179 -4.45 -62.96 2.12
N LEU A 180 -5.68 -62.51 1.86
CA LEU A 180 -6.73 -62.60 2.87
C LEU A 180 -7.21 -64.04 3.06
N GLY A 181 -7.21 -64.84 1.99
CA GLY A 181 -7.74 -66.18 2.09
C GLY A 181 -9.22 -66.17 2.37
N ASP A 182 -9.69 -67.14 3.15
CA ASP A 182 -11.08 -67.21 3.57
C ASP A 182 -11.32 -66.50 4.90
N LYS A 183 -10.58 -65.41 5.16
CA LYS A 183 -10.69 -64.66 6.40
C LYS A 183 -11.07 -63.21 6.17
N LYS A 184 -11.55 -62.88 4.97
CA LYS A 184 -11.75 -61.47 4.60
C LYS A 184 -12.62 -60.73 5.61
N GLU A 185 -13.72 -61.35 6.02
CA GLU A 185 -14.71 -60.64 6.84
C GLU A 185 -14.16 -60.35 8.24
N LYS A 186 -13.63 -61.37 8.91
CA LYS A 186 -13.09 -61.17 10.25
C LYS A 186 -11.90 -60.22 10.23
N VAL A 187 -11.08 -60.29 9.17
CA VAL A 187 -9.95 -59.38 9.04
C VAL A 187 -10.42 -57.94 8.92
N ILE A 188 -11.41 -57.70 8.05
CA ILE A 188 -11.93 -56.34 7.89
C ILE A 188 -12.53 -55.84 9.20
N LYS A 189 -13.22 -56.72 9.93
CA LYS A 189 -13.81 -56.32 11.21
C LYS A 189 -12.72 -55.90 12.20
N GLU A 190 -11.70 -56.74 12.37
CA GLU A 190 -10.65 -56.44 13.34
C GLU A 190 -9.84 -55.21 12.93
N LEU A 191 -9.51 -55.09 11.64
CA LEU A 191 -8.74 -53.94 11.18
C LEU A 191 -9.56 -52.65 11.26
N ALA A 192 -10.88 -52.74 11.06
CA ALA A 192 -11.73 -51.56 11.22
C ALA A 192 -11.77 -51.12 12.67
N LYS A 193 -11.84 -52.07 13.61
CA LYS A 193 -11.77 -51.69 15.02
C LYS A 193 -10.42 -51.10 15.36
N LYS A 194 -9.35 -51.64 14.79
CA LYS A 194 -8.01 -51.19 15.16
C LYS A 194 -7.67 -49.83 14.57
N LEU A 195 -8.16 -49.51 13.38
CA LEU A 195 -7.78 -48.28 12.69
C LEU A 195 -8.87 -47.21 12.70
N ASP A 196 -9.98 -47.45 13.41
CA ASP A 196 -11.05 -46.46 13.53
C ASP A 196 -11.67 -46.12 12.18
N LEU A 197 -11.60 -47.05 11.25
CA LEU A 197 -12.30 -46.98 9.97
C LEU A 197 -13.58 -47.80 10.06
N THR A 198 -14.42 -47.67 9.03
CA THR A 198 -15.59 -48.53 8.93
C THR A 198 -15.30 -49.72 8.03
N GLU A 199 -16.06 -50.79 8.24
CA GLU A 199 -15.97 -51.95 7.36
C GLU A 199 -16.37 -51.58 5.95
N ASP A 200 -17.37 -50.72 5.81
CA ASP A 200 -17.83 -50.32 4.48
C ASP A 200 -16.75 -49.55 3.73
N ASP A 201 -16.01 -48.68 4.43
CA ASP A 201 -14.95 -47.92 3.77
C ASP A 201 -13.85 -48.84 3.25
N ILE A 202 -13.42 -49.79 4.08
CA ILE A 202 -12.38 -50.74 3.66
C ILE A 202 -12.87 -51.57 2.49
N LYS A 203 -14.12 -52.02 2.53
CA LYS A 203 -14.64 -52.83 1.42
C LYS A 203 -14.72 -52.00 0.14
N LYS A 204 -15.13 -50.74 0.26
CA LYS A 204 -15.15 -49.85 -0.90
C LYS A 204 -13.76 -49.69 -1.50
N LYS A 205 -12.75 -49.54 -0.66
CA LYS A 205 -11.38 -49.45 -1.18
C LYS A 205 -10.94 -50.76 -1.83
N LEU A 206 -11.37 -51.89 -1.28
CA LEU A 206 -11.01 -53.18 -1.87
C LEU A 206 -11.76 -53.46 -3.16
N ASP A 207 -12.83 -52.73 -3.45
CA ASP A 207 -13.65 -52.98 -4.64
C ASP A 207 -13.34 -52.03 -5.79
N GLN A 208 -12.26 -51.27 -5.71
CA GLN A 208 -11.90 -50.35 -6.78
C GLN A 208 -11.51 -51.12 -8.04
N GLY A 209 -11.68 -50.48 -9.19
CA GLY A 209 -11.53 -51.17 -10.46
C GLY A 209 -10.13 -51.71 -10.69
N TRP A 210 -9.11 -50.92 -10.34
CA TRP A 210 -7.73 -51.32 -10.55
C TRP A 210 -7.28 -52.44 -9.62
N VAL A 211 -8.05 -52.75 -8.58
CA VAL A 211 -7.59 -53.68 -7.55
C VAL A 211 -7.48 -55.08 -8.14
N LYS A 212 -6.26 -55.61 -8.16
CA LYS A 212 -5.99 -56.99 -8.52
C LYS A 212 -5.59 -57.77 -7.27
N ASP A 213 -5.64 -59.10 -7.38
CA ASP A 213 -5.45 -59.95 -6.21
C ASP A 213 -4.05 -59.84 -5.62
N ASP A 214 -3.07 -59.34 -6.37
CA ASP A 214 -1.71 -59.21 -5.86
C ASP A 214 -1.31 -57.77 -5.59
N SER A 215 -2.22 -56.82 -5.76
CA SER A 215 -1.91 -55.42 -5.56
C SER A 215 -2.07 -55.03 -4.09
N PHE A 216 -1.25 -54.07 -3.67
CA PHE A 216 -1.36 -53.46 -2.35
C PHE A 216 -2.43 -52.38 -2.38
N VAL A 217 -3.47 -52.53 -1.55
CA VAL A 217 -4.55 -51.54 -1.52
C VAL A 217 -4.37 -50.68 -0.28
N PRO A 218 -3.90 -49.44 -0.43
CA PRO A 218 -3.74 -48.57 0.74
C PRO A 218 -5.05 -48.38 1.49
N LEU A 219 -4.97 -48.47 2.82
CA LEU A 219 -6.12 -48.25 3.68
C LEU A 219 -5.96 -47.08 4.62
N LYS A 220 -4.78 -46.86 5.19
CA LYS A 220 -4.66 -45.71 6.08
C LYS A 220 -3.22 -45.31 6.28
N LYS A 221 -2.99 -43.99 6.25
CA LYS A 221 -1.70 -43.39 6.55
C LYS A 221 -1.60 -43.06 8.05
N VAL A 222 -0.44 -43.32 8.63
CA VAL A 222 -0.24 -43.22 10.07
C VAL A 222 1.01 -42.39 10.36
N LYS A 223 0.98 -41.64 11.47
CA LYS A 223 2.12 -40.86 11.90
C LYS A 223 3.33 -41.75 12.17
N PRO A 224 4.55 -41.19 12.09
CA PRO A 224 5.75 -42.03 12.25
C PRO A 224 5.90 -42.60 13.66
N ASP A 225 5.37 -41.93 14.67
CA ASP A 225 5.56 -42.35 16.06
C ASP A 225 4.66 -43.50 16.48
N GLN A 226 4.04 -44.20 15.54
CA GLN A 226 3.05 -45.23 15.86
C GLN A 226 3.39 -46.55 15.20
N GLU A 227 4.66 -46.97 15.36
CA GLU A 227 5.06 -48.28 14.85
C GLU A 227 4.39 -49.42 15.61
N LYS A 228 4.03 -49.20 16.88
CA LYS A 228 3.35 -50.25 17.64
C LYS A 228 1.97 -50.55 17.04
N LEU A 229 1.24 -49.51 16.65
CA LEU A 229 -0.04 -49.69 15.96
C LEU A 229 0.13 -50.45 14.66
N VAL A 230 1.16 -50.09 13.87
CA VAL A 230 1.40 -50.77 12.61
C VAL A 230 1.73 -52.25 12.85
N SER A 231 2.52 -52.51 13.89
CA SER A 231 2.87 -53.89 14.22
C SER A 231 1.63 -54.69 14.59
N GLU A 232 0.79 -54.12 15.45
CA GLU A 232 -0.45 -54.80 15.80
C GLU A 232 -1.32 -55.07 14.57
N ALA A 233 -1.44 -54.07 13.69
CA ALA A 233 -2.39 -54.17 12.58
C ALA A 233 -1.90 -55.12 11.50
N THR A 234 -0.61 -55.09 11.16
CA THR A 234 -0.11 -55.93 10.09
C THR A 234 0.00 -57.39 10.50
N SER A 235 -0.12 -57.70 11.79
CA SER A 235 -0.14 -59.09 12.25
C SER A 235 -1.45 -59.82 11.93
N LEU A 236 -2.34 -59.20 11.17
CA LEU A 236 -3.58 -59.81 10.71
C LEU A 236 -3.39 -60.40 9.31
N GLN A 237 -4.24 -61.36 8.99
CA GLN A 237 -4.15 -62.06 7.70
C GLN A 237 -4.32 -61.08 6.55
N GLY A 238 -3.32 -61.03 5.67
CA GLY A 238 -3.39 -60.22 4.47
C GLY A 238 -3.16 -58.73 4.67
N VAL A 239 -2.89 -58.29 5.90
CA VAL A 239 -2.67 -56.88 6.19
C VAL A 239 -1.17 -56.64 6.19
N THR A 240 -0.71 -55.73 5.34
CA THR A 240 0.71 -55.44 5.19
C THR A 240 0.94 -53.93 5.23
N ARG A 241 2.18 -53.54 5.03
CA ARG A 241 2.65 -52.20 5.34
C ARG A 241 3.65 -51.72 4.29
N THR A 242 3.55 -50.43 3.95
CA THR A 242 4.61 -49.77 3.19
C THR A 242 4.86 -48.41 3.84
N ASN A 243 5.68 -47.60 3.18
CA ASN A 243 5.90 -46.22 3.62
C ASN A 243 5.58 -45.29 2.46
N VAL A 244 4.86 -44.22 2.77
CA VAL A 244 4.45 -43.24 1.78
C VAL A 244 4.97 -41.87 2.19
N SER A 245 5.30 -41.06 1.20
CA SER A 245 5.70 -39.68 1.48
C SER A 245 4.49 -38.88 1.91
N SER A 246 4.70 -37.97 2.86
CA SER A 246 3.62 -37.23 3.49
C SER A 246 4.15 -35.90 4.00
N ARG A 247 3.34 -34.85 3.89
CA ARG A 247 3.65 -33.64 4.64
C ARG A 247 3.71 -33.96 6.13
N TYR A 248 4.52 -33.20 6.84
CA TYR A 248 4.66 -33.38 8.27
C TYR A 248 5.13 -32.05 8.86
N TYR A 249 4.55 -31.70 10.00
CA TYR A 249 4.90 -30.46 10.70
C TYR A 249 5.64 -30.84 11.97
N PRO A 250 6.97 -30.84 11.95
CA PRO A 250 7.72 -31.46 13.05
C PRO A 250 7.53 -30.81 14.40
N TYR A 251 7.06 -29.56 14.49
CA TYR A 251 6.83 -29.00 15.82
C TYR A 251 5.36 -28.70 16.07
N GLY A 252 4.47 -29.13 15.17
CA GLY A 252 3.04 -29.09 15.45
C GLY A 252 2.55 -27.75 15.94
N GLU A 253 1.77 -27.78 17.03
CA GLU A 253 1.08 -26.57 17.49
C GLU A 253 2.04 -25.49 17.95
N LYS A 254 3.32 -25.80 18.13
CA LYS A 254 4.27 -24.77 18.50
C LYS A 254 4.47 -23.76 17.38
N THR A 255 4.27 -24.17 16.12
CA THR A 255 4.42 -23.27 14.98
C THR A 255 3.19 -23.29 14.09
N ALA A 256 2.06 -23.75 14.61
CA ALA A 256 0.90 -24.05 13.78
C ALA A 256 0.40 -22.82 13.02
N HIS A 257 0.33 -21.68 13.69
CA HIS A 257 -0.17 -20.49 13.00
C HIS A 257 0.83 -19.97 11.98
N LEU A 258 2.12 -20.21 12.22
CA LEU A 258 3.13 -19.75 11.28
C LEU A 258 3.18 -20.63 10.03
N THR A 259 3.23 -21.95 10.22
CA THR A 259 3.19 -22.85 9.06
C THR A 259 1.83 -22.79 8.39
N GLY A 260 0.76 -22.73 9.17
CA GLY A 260 -0.52 -23.03 8.59
C GLY A 260 -0.58 -24.51 8.27
N TYR A 261 -1.32 -24.86 7.22
CA TYR A 261 -1.45 -26.27 6.90
C TYR A 261 -1.94 -26.45 5.48
N VAL A 262 -1.71 -27.65 4.97
CA VAL A 262 -2.33 -28.13 3.74
C VAL A 262 -3.28 -29.26 4.09
N ARG A 263 -4.13 -29.59 3.14
CA ARG A 263 -5.13 -30.63 3.31
C ARG A 263 -5.77 -30.88 1.95
N ALA A 264 -6.54 -31.94 1.85
CA ALA A 264 -7.11 -32.33 0.57
C ALA A 264 -8.08 -31.26 0.06
N ILE A 265 -7.99 -30.98 -1.23
CA ILE A 265 -8.87 -30.01 -1.87
C ILE A 265 -10.23 -30.63 -2.09
N THR A 266 -11.28 -29.82 -1.97
CA THR A 266 -12.63 -30.30 -2.22
C THR A 266 -12.95 -30.16 -3.71
N ALA A 267 -14.00 -30.86 -4.13
CA ALA A 267 -14.43 -30.75 -5.52
C ALA A 267 -14.85 -29.33 -5.85
N GLU A 268 -15.50 -28.64 -4.92
CA GLU A 268 -15.93 -27.26 -5.17
C GLU A 268 -14.75 -26.31 -5.22
N GLU A 269 -13.79 -26.48 -4.32
CA GLU A 269 -12.55 -25.71 -4.42
C GLU A 269 -11.88 -25.95 -5.77
N LEU A 270 -11.78 -27.23 -6.16
CA LEU A 270 -11.15 -27.59 -7.42
C LEU A 270 -11.83 -26.93 -8.62
N LYS A 271 -13.16 -26.80 -8.57
CA LYS A 271 -13.87 -26.14 -9.67
C LYS A 271 -13.47 -24.68 -9.85
N LYS A 272 -12.95 -24.03 -8.81
CA LYS A 272 -12.62 -22.61 -8.88
C LYS A 272 -11.23 -22.34 -9.42
N LYS A 273 -10.32 -23.31 -9.35
CA LYS A 273 -8.94 -23.06 -9.73
C LYS A 273 -8.75 -23.16 -11.24
N LYS A 274 -7.67 -22.54 -11.71
CA LYS A 274 -7.27 -22.66 -13.11
C LYS A 274 -6.98 -24.13 -13.43
N GLU A 275 -7.70 -24.67 -14.41
CA GLU A 275 -7.61 -26.09 -14.71
C GLU A 275 -6.17 -26.50 -15.03
N GLY A 276 -5.78 -27.67 -14.51
CA GLY A 276 -4.44 -28.18 -14.62
C GLY A 276 -3.63 -28.02 -13.36
N THR A 277 -3.91 -26.99 -12.56
CA THR A 277 -3.09 -26.71 -11.38
C THR A 277 -3.37 -27.67 -10.24
N TYR A 278 -4.55 -28.29 -10.20
CA TYR A 278 -4.90 -29.21 -9.13
C TYR A 278 -5.72 -30.36 -9.68
N SER A 279 -5.74 -31.47 -8.94
CA SER A 279 -6.58 -32.62 -9.24
C SER A 279 -7.49 -32.88 -8.05
N ASP A 280 -8.35 -33.88 -8.20
CA ASP A 280 -9.27 -34.24 -7.12
C ASP A 280 -8.58 -34.85 -5.91
N THR A 281 -7.29 -35.19 -6.03
CA THR A 281 -6.54 -35.78 -4.92
C THR A 281 -5.37 -34.90 -4.49
N SER A 282 -5.42 -33.60 -4.80
CA SER A 282 -4.31 -32.70 -4.50
C SER A 282 -4.44 -32.12 -3.10
N ASN A 283 -3.28 -31.80 -2.51
CA ASN A 283 -3.24 -30.96 -1.33
C ASN A 283 -3.16 -29.49 -1.73
N ILE A 284 -3.75 -28.64 -0.91
CA ILE A 284 -3.74 -27.19 -1.12
C ILE A 284 -3.53 -26.52 0.24
N GLY A 285 -2.77 -25.43 0.25
CA GLY A 285 -2.51 -24.71 1.48
C GLY A 285 -3.68 -23.83 1.86
N ILE A 286 -4.18 -24.01 3.09
CA ILE A 286 -5.40 -23.34 3.53
C ILE A 286 -5.06 -22.16 4.46
N ALA A 287 -4.00 -22.30 5.24
CA ALA A 287 -3.66 -21.27 6.21
C ALA A 287 -2.16 -21.19 6.38
N GLY A 288 -1.71 -20.06 6.93
CA GLY A 288 -0.32 -19.82 7.25
C GLY A 288 0.53 -19.63 6.00
N LEU A 289 1.84 -19.87 6.18
CA LEU A 289 2.76 -19.75 5.06
C LEU A 289 2.46 -20.79 3.98
N GLU A 290 1.96 -21.97 4.36
CA GLU A 290 1.47 -22.93 3.38
C GLU A 290 0.57 -22.26 2.36
N ASN A 291 -0.39 -21.47 2.84
CA ASN A 291 -1.31 -20.75 1.95
C ASN A 291 -0.62 -19.58 1.27
N VAL A 292 0.12 -18.79 2.05
CA VAL A 292 0.69 -17.53 1.53
C VAL A 292 1.64 -17.80 0.37
N TYR A 293 2.41 -18.89 0.44
CA TYR A 293 3.34 -19.26 -0.61
C TYR A 293 2.92 -20.53 -1.35
N GLU A 294 1.60 -20.73 -1.50
CA GLU A 294 1.08 -21.93 -2.15
C GLU A 294 1.67 -22.14 -3.55
N ASP A 295 1.79 -21.06 -4.33
CA ASP A 295 2.27 -21.20 -5.70
C ASP A 295 3.74 -21.62 -5.72
N LYS A 296 4.56 -20.98 -4.89
CA LYS A 296 5.98 -21.33 -4.82
C LYS A 296 6.16 -22.74 -4.28
N LEU A 297 5.40 -23.12 -3.26
CA LEU A 297 5.57 -24.41 -2.61
C LEU A 297 5.05 -25.59 -3.44
N ARG A 298 4.00 -25.38 -4.23
CA ARG A 298 3.38 -26.51 -4.92
C ARG A 298 4.25 -27.02 -6.06
N GLY A 299 4.51 -26.18 -7.06
CA GLY A 299 5.11 -26.63 -8.28
C GLY A 299 4.09 -26.85 -9.37
N THR A 300 4.44 -27.72 -10.32
CA THR A 300 3.62 -27.97 -11.49
C THR A 300 3.04 -29.37 -11.41
N THR A 301 1.73 -29.48 -11.67
CA THR A 301 1.04 -30.76 -11.62
C THR A 301 1.17 -31.49 -12.96
N GLY A 302 1.52 -32.78 -12.90
CA GLY A 302 1.59 -33.57 -14.10
C GLY A 302 0.26 -34.23 -14.45
N TRP A 303 0.11 -34.58 -15.73
CA TRP A 303 -1.16 -35.11 -16.22
C TRP A 303 -0.91 -36.13 -17.31
N LYS A 304 -1.82 -37.10 -17.42
CA LYS A 304 -1.80 -38.11 -18.48
C LYS A 304 -3.23 -38.43 -18.89
N ILE A 305 -3.55 -38.17 -20.16
CA ILE A 305 -4.84 -38.51 -20.73
C ILE A 305 -4.59 -39.67 -21.71
N TYR A 306 -5.26 -40.80 -21.46
CA TYR A 306 -4.96 -42.03 -22.18
C TYR A 306 -6.23 -42.87 -22.31
N VAL A 307 -6.17 -43.88 -23.16
CA VAL A 307 -7.28 -44.79 -23.42
C VAL A 307 -6.99 -46.12 -22.74
N PRO A 308 -7.78 -46.56 -21.76
CA PRO A 308 -7.40 -47.74 -20.98
C PRO A 308 -7.47 -49.05 -21.74
N GLN A 309 -8.36 -49.20 -22.73
CA GLN A 309 -8.47 -50.48 -23.43
C GLN A 309 -7.25 -50.75 -24.31
N THR A 310 -6.66 -49.72 -24.91
CA THR A 310 -5.48 -49.91 -25.75
C THR A 310 -4.18 -49.53 -25.06
N GLY A 311 -4.23 -48.65 -24.06
CA GLY A 311 -3.03 -48.07 -23.50
C GLY A 311 -2.48 -46.89 -24.28
N GLU A 312 -3.17 -46.44 -25.32
CA GLU A 312 -2.69 -45.33 -26.11
C GLU A 312 -2.80 -44.01 -25.34
N VAL A 313 -1.77 -43.20 -25.42
CA VAL A 313 -1.67 -41.95 -24.69
C VAL A 313 -2.13 -40.82 -25.60
N ILE A 314 -3.17 -40.09 -25.17
CA ILE A 314 -3.66 -38.96 -25.93
C ILE A 314 -2.80 -37.72 -25.67
N ALA A 315 -2.37 -37.53 -24.42
CA ALA A 315 -1.46 -36.43 -24.12
C ALA A 315 -0.84 -36.66 -22.75
N GLU A 316 0.31 -36.03 -22.53
CA GLU A 316 1.07 -36.25 -21.30
C GLU A 316 1.93 -35.03 -20.98
N LYS A 317 2.01 -34.71 -19.68
CA LYS A 317 2.79 -33.59 -19.17
C LYS A 317 3.43 -34.00 -17.85
N LYS A 318 4.72 -33.76 -17.72
CA LYS A 318 5.45 -34.17 -16.52
C LYS A 318 5.32 -33.14 -15.42
N ALA A 319 5.29 -33.63 -14.18
CA ALA A 319 5.25 -32.77 -13.01
C ALA A 319 6.58 -32.05 -12.82
N LYS A 320 6.57 -31.09 -11.89
CA LYS A 320 7.76 -30.32 -11.55
C LYS A 320 7.69 -29.95 -10.08
N ASP A 321 8.75 -30.25 -9.34
CA ASP A 321 8.73 -30.05 -7.89
C ASP A 321 8.62 -28.57 -7.54
N GLY A 322 8.17 -28.32 -6.32
CA GLY A 322 8.09 -26.97 -5.80
C GLY A 322 9.41 -26.49 -5.25
N GLU A 323 9.39 -25.25 -4.77
CA GLU A 323 10.58 -24.57 -4.28
C GLU A 323 10.50 -24.48 -2.76
N ASP A 324 11.66 -24.55 -2.11
CA ASP A 324 11.72 -24.50 -0.66
C ASP A 324 11.63 -23.07 -0.15
N LEU A 325 11.39 -22.93 1.15
CA LEU A 325 11.16 -21.64 1.78
C LEU A 325 11.98 -21.57 3.05
N HIS A 326 12.84 -20.56 3.17
CA HIS A 326 13.72 -20.41 4.32
C HIS A 326 13.32 -19.16 5.10
N LEU A 327 13.08 -19.33 6.39
CA LEU A 327 12.51 -18.28 7.23
C LEU A 327 13.57 -17.68 8.15
N THR A 328 13.25 -16.51 8.67
CA THR A 328 14.06 -15.86 9.70
C THR A 328 13.83 -16.45 11.08
N ILE A 329 12.78 -17.25 11.26
CA ILE A 329 12.42 -17.77 12.57
C ILE A 329 13.58 -18.54 13.19
N ASP A 330 13.79 -18.33 14.48
CA ASP A 330 14.65 -19.17 15.31
C ASP A 330 13.75 -20.03 16.18
N ILE A 331 13.80 -21.35 15.98
CA ILE A 331 12.86 -22.21 16.68
C ILE A 331 13.08 -22.21 18.18
N LYS A 332 14.27 -21.86 18.65
CA LYS A 332 14.49 -21.76 20.10
C LYS A 332 13.68 -20.61 20.70
N THR A 333 13.74 -19.43 20.08
CA THR A 333 12.92 -18.30 20.53
C THR A 333 11.44 -18.64 20.42
N GLN A 334 11.04 -19.22 19.29
CA GLN A 334 9.68 -19.70 19.08
C GLN A 334 9.21 -20.57 20.24
N MET A 335 10.06 -21.50 20.68
CA MET A 335 9.64 -22.44 21.70
C MET A 335 9.61 -21.81 23.08
N LYS A 336 10.54 -20.88 23.37
CA LYS A 336 10.44 -20.16 24.64
C LYS A 336 9.13 -19.39 24.73
N LEU A 337 8.77 -18.67 23.67
CA LEU A 337 7.51 -17.91 23.69
C LEU A 337 6.32 -18.84 23.78
N TYR A 338 6.33 -19.95 23.03
CA TYR A 338 5.26 -20.94 23.16
C TYR A 338 5.12 -21.42 24.60
N ASP A 339 6.23 -21.86 25.21
CA ASP A 339 6.19 -22.34 26.58
C ASP A 339 5.58 -21.31 27.52
N GLU A 340 5.79 -20.02 27.26
CA GLU A 340 5.14 -19.06 28.14
C GLU A 340 3.64 -18.89 27.84
N LEU A 341 3.23 -18.95 26.57
CA LEU A 341 1.85 -18.64 26.22
C LEU A 341 0.93 -19.85 26.10
N LYS A 342 1.47 -21.08 26.19
CA LYS A 342 0.77 -22.25 25.68
C LYS A 342 -0.60 -22.48 26.35
N ASP A 343 -0.80 -21.99 27.57
CA ASP A 343 -2.05 -22.23 28.28
C ASP A 343 -2.97 -21.02 28.32
N ASP A 344 -2.61 -19.92 27.67
CA ASP A 344 -3.36 -18.67 27.70
C ASP A 344 -3.95 -18.38 26.33
N SER A 345 -4.45 -17.16 26.16
CA SER A 345 -5.02 -16.70 24.91
C SER A 345 -4.38 -15.35 24.57
N GLY A 346 -3.62 -15.30 23.50
CA GLY A 346 -2.94 -14.08 23.12
C GLY A 346 -1.92 -14.33 22.03
N ALA A 347 -0.93 -13.44 21.95
CA ALA A 347 0.06 -13.48 20.88
C ALA A 347 1.39 -12.97 21.40
N ALA A 348 2.45 -13.32 20.67
CA ALA A 348 3.79 -12.83 20.97
C ALA A 348 4.59 -12.75 19.67
N VAL A 349 5.26 -11.61 19.48
CA VAL A 349 6.14 -11.38 18.35
C VAL A 349 7.54 -11.12 18.90
N ALA A 350 8.54 -11.72 18.27
CA ALA A 350 9.94 -11.48 18.62
C ALA A 350 10.71 -11.13 17.36
N LEU A 351 11.24 -9.90 17.31
CA LEU A 351 12.01 -9.37 16.21
C LEU A 351 13.45 -9.13 16.64
N GLN A 352 14.36 -9.17 15.69
CA GLN A 352 15.68 -8.61 15.92
C GLN A 352 15.63 -7.17 15.41
N PRO A 353 15.53 -6.18 16.31
CA PRO A 353 15.16 -4.82 15.86
C PRO A 353 16.22 -4.16 15.00
N LYS A 354 17.46 -4.64 15.03
CA LYS A 354 18.48 -4.12 14.12
C LYS A 354 18.17 -4.51 12.69
N THR A 355 18.11 -5.83 12.41
CA THR A 355 17.95 -6.30 11.05
C THR A 355 16.49 -6.37 10.59
N GLY A 356 15.54 -6.29 11.52
CA GLY A 356 14.15 -6.45 11.16
C GLY A 356 13.71 -7.86 10.89
N GLU A 357 14.57 -8.84 11.15
CA GLU A 357 14.21 -10.24 10.99
C GLU A 357 13.21 -10.66 12.06
N THR A 358 12.36 -11.63 11.73
CA THR A 358 11.36 -12.14 12.65
C THR A 358 11.90 -13.42 13.28
N LEU A 359 12.15 -13.36 14.59
CA LEU A 359 12.63 -14.52 15.32
C LEU A 359 11.51 -15.42 15.81
N ALA A 360 10.32 -14.86 16.06
CA ALA A 360 9.23 -15.69 16.56
C ALA A 360 7.88 -15.04 16.30
N LEU A 361 6.91 -15.87 15.89
CA LEU A 361 5.51 -15.50 15.78
C LEU A 361 4.69 -16.59 16.45
N VAL A 362 4.11 -16.27 17.61
CA VAL A 362 3.37 -17.23 18.41
C VAL A 362 1.96 -16.72 18.64
N SER A 363 0.99 -17.62 18.56
CA SER A 363 -0.39 -17.32 18.90
C SER A 363 -0.95 -18.48 19.73
N ALA A 364 -1.72 -18.15 20.76
CA ALA A 364 -2.36 -19.14 21.62
C ALA A 364 -3.83 -18.79 21.77
N PRO A 365 -4.72 -19.80 21.84
CA PRO A 365 -4.43 -21.24 21.79
C PRO A 365 -4.13 -21.72 20.37
N SER A 366 -3.68 -22.97 20.24
CA SER A 366 -3.18 -23.46 18.96
C SER A 366 -3.75 -24.83 18.63
N TYR A 367 -3.19 -25.49 17.62
CA TYR A 367 -3.68 -26.75 17.10
C TYR A 367 -2.54 -27.47 16.43
N ASP A 368 -2.66 -28.80 16.30
CA ASP A 368 -1.61 -29.56 15.64
C ASP A 368 -1.97 -29.70 14.17
N PRO A 369 -1.33 -28.96 13.25
CA PRO A 369 -1.71 -29.05 11.83
C PRO A 369 -1.56 -30.44 11.25
N ASN A 370 -0.78 -31.32 11.91
CA ASN A 370 -0.73 -32.71 11.51
C ASN A 370 -2.12 -33.35 11.51
N GLY A 371 -3.04 -32.81 12.32
CA GLY A 371 -4.41 -33.30 12.29
C GLY A 371 -5.02 -33.24 10.92
N PHE A 372 -4.70 -32.19 10.14
CA PHE A 372 -5.26 -32.08 8.80
C PHE A 372 -4.61 -33.03 7.80
N ILE A 373 -3.51 -33.67 8.16
CA ILE A 373 -2.82 -34.59 7.27
C ILE A 373 -3.16 -36.04 7.59
N PHE A 374 -3.16 -36.39 8.86
CA PHE A 374 -3.30 -37.76 9.32
C PHE A 374 -4.70 -38.05 9.86
N GLY A 375 -5.54 -37.04 9.96
CA GLY A 375 -6.87 -37.18 10.51
C GLY A 375 -6.92 -36.76 11.96
N TRP A 376 -8.06 -36.21 12.36
CA TRP A 376 -8.28 -35.80 13.73
C TRP A 376 -8.98 -36.91 14.50
N SER A 377 -8.64 -37.03 15.78
CA SER A 377 -9.53 -37.74 16.67
C SER A 377 -10.78 -36.89 16.89
N ASP A 378 -11.90 -37.55 17.12
CA ASP A 378 -13.18 -36.84 17.16
C ASP A 378 -13.22 -35.85 18.33
N LYS A 379 -12.72 -36.27 19.49
CA LYS A 379 -12.75 -35.41 20.66
C LYS A 379 -11.89 -34.17 20.47
N GLU A 380 -10.73 -34.32 19.81
CA GLU A 380 -9.86 -33.16 19.60
C GLU A 380 -10.47 -32.20 18.59
N TRP A 381 -11.06 -32.71 17.50
CA TRP A 381 -11.70 -31.85 16.53
C TRP A 381 -12.85 -31.07 17.16
N LYS A 382 -13.67 -31.74 17.97
CA LYS A 382 -14.79 -31.04 18.59
C LYS A 382 -14.30 -30.03 19.63
N LYS A 383 -13.27 -30.38 20.38
CA LYS A 383 -12.64 -29.44 21.30
C LYS A 383 -12.20 -28.17 20.58
N LEU A 384 -11.46 -28.34 19.48
CA LEU A 384 -10.92 -27.19 18.76
C LEU A 384 -12.04 -26.36 18.15
N ASN A 385 -13.16 -26.98 17.77
CA ASN A 385 -14.23 -26.20 17.16
C ASN A 385 -15.15 -25.53 18.17
N LYS A 386 -15.22 -26.01 19.41
CA LYS A 386 -16.01 -25.30 20.41
C LYS A 386 -15.18 -24.32 21.25
N ASP A 387 -13.87 -24.24 21.03
CA ASP A 387 -13.04 -23.34 21.81
C ASP A 387 -13.34 -21.89 21.41
N LYS A 388 -13.81 -21.10 22.39
CA LYS A 388 -14.24 -19.74 22.12
C LYS A 388 -13.07 -18.80 21.85
N ASN A 389 -11.84 -19.21 22.18
CA ASN A 389 -10.66 -18.41 21.88
C ASN A 389 -10.10 -18.67 20.48
N ASN A 390 -10.77 -19.49 19.68
CA ASN A 390 -10.53 -19.66 18.26
C ASN A 390 -9.10 -20.11 17.97
N PRO A 391 -8.77 -21.37 18.25
CA PRO A 391 -7.38 -21.82 18.05
C PRO A 391 -6.89 -21.74 16.62
N PHE A 392 -7.76 -21.93 15.63
CA PHE A 392 -7.29 -21.93 14.25
C PHE A 392 -6.94 -20.55 13.73
N SER A 393 -7.26 -19.49 14.48
CA SER A 393 -6.99 -18.12 14.05
C SER A 393 -5.73 -17.59 14.71
N ALA A 394 -4.82 -17.05 13.91
CA ALA A 394 -3.64 -16.38 14.44
C ALA A 394 -4.02 -15.03 15.02
N LYS A 395 -3.51 -14.72 16.20
CA LYS A 395 -3.80 -13.44 16.83
C LYS A 395 -2.74 -12.39 16.57
N PHE A 396 -1.53 -12.78 16.17
CA PHE A 396 -0.47 -11.80 15.97
C PHE A 396 -0.69 -10.94 14.72
N ASN A 397 -1.61 -11.30 13.84
CA ASN A 397 -1.93 -10.47 12.68
C ASN A 397 -3.29 -9.77 12.81
N LYS A 398 -3.95 -9.87 13.95
CA LYS A 398 -5.18 -9.14 14.22
C LYS A 398 -4.86 -7.86 14.98
N THR A 399 -5.80 -6.92 14.95
CA THR A 399 -5.63 -5.61 15.57
C THR A 399 -6.47 -5.53 16.83
N TYR A 400 -5.84 -5.17 17.94
CA TYR A 400 -6.48 -5.04 19.24
C TYR A 400 -6.22 -3.65 19.79
N ALA A 401 -6.98 -3.27 20.80
CA ALA A 401 -6.72 -2.01 21.48
C ALA A 401 -5.37 -2.08 22.18
N PRO A 402 -4.48 -1.10 21.97
CA PRO A 402 -3.12 -1.21 22.51
C PRO A 402 -2.97 -0.57 23.89
N GLY A 403 -3.88 0.35 24.22
CA GLY A 403 -3.80 1.01 25.51
C GLY A 403 -2.52 1.80 25.69
N SER A 404 -2.01 1.78 26.92
CA SER A 404 -0.89 2.64 27.32
C SER A 404 0.34 2.44 26.44
N THR A 405 0.46 1.30 25.75
CA THR A 405 1.63 1.09 24.89
C THR A 405 1.77 2.16 23.81
N ILE A 406 0.73 2.99 23.59
CA ILE A 406 0.87 4.03 22.57
C ILE A 406 1.79 5.15 23.04
N LYS A 407 1.92 5.35 24.36
CA LYS A 407 2.51 6.58 24.89
C LYS A 407 3.90 6.91 24.35
N PRO A 408 4.87 5.99 24.31
CA PRO A 408 6.19 6.39 23.78
C PRO A 408 6.13 6.86 22.35
N ILE A 409 5.41 6.13 21.50
CA ILE A 409 5.19 6.52 20.11
C ILE A 409 4.73 7.96 20.02
N ALA A 410 3.62 8.27 20.70
CA ALA A 410 3.13 9.65 20.76
C ALA A 410 4.24 10.59 21.19
N ALA A 411 4.94 10.25 22.28
CA ALA A 411 6.05 11.07 22.74
C ALA A 411 7.05 11.30 21.62
N ALA A 412 7.43 10.23 20.91
CA ALA A 412 8.33 10.36 19.77
C ALA A 412 7.84 11.43 18.81
N ILE A 413 6.57 11.33 18.40
CA ILE A 413 6.00 12.32 17.49
C ILE A 413 6.13 13.71 18.09
N GLY A 414 5.75 13.85 19.37
CA GLY A 414 5.83 15.15 20.02
C GLY A 414 7.24 15.70 20.07
N ILE A 415 8.24 14.82 20.14
CA ILE A 415 9.62 15.30 20.08
C ILE A 415 10.02 15.58 18.64
N LYS A 416 9.57 14.73 17.71
CA LYS A 416 9.91 14.92 16.30
C LYS A 416 9.40 16.26 15.78
N ASN A 417 8.17 16.61 16.12
CA ASN A 417 7.53 17.83 15.63
C ASN A 417 7.61 18.96 16.65
N GLY A 418 8.69 19.01 17.42
CA GLY A 418 9.05 20.17 18.22
C GLY A 418 8.12 20.56 19.36
N THR A 419 6.93 19.96 19.45
CA THR A 419 5.95 20.38 20.45
C THR A 419 6.20 19.79 21.83
N LEU A 420 7.20 18.93 21.99
CA LEU A 420 7.47 18.33 23.30
C LEU A 420 8.97 18.28 23.53
N LYS A 421 9.38 18.68 24.74
CA LYS A 421 10.76 18.55 25.19
C LYS A 421 10.79 17.55 26.33
N ALA A 422 11.62 16.52 26.18
CA ALA A 422 11.63 15.42 27.14
C ALA A 422 12.10 15.85 28.52
N ASP A 423 12.96 16.85 28.59
CA ASP A 423 13.55 17.28 29.86
C ASP A 423 12.76 18.39 30.55
N GLU A 424 11.71 18.90 29.91
CA GLU A 424 10.88 19.94 30.51
C GLU A 424 9.74 19.31 31.27
N LYS A 425 9.52 19.78 32.50
CA LYS A 425 8.47 19.26 33.36
C LYS A 425 7.17 19.98 33.10
N LYS A 426 6.06 19.30 33.34
CA LYS A 426 4.74 19.86 33.18
C LYS A 426 4.03 19.97 34.54
N THR A 427 3.23 21.02 34.68
CA THR A 427 2.49 21.27 35.91
C THR A 427 1.16 20.53 35.87
N ILE A 428 1.02 19.54 36.76
CA ILE A 428 -0.21 18.74 36.86
C ILE A 428 -0.55 18.61 38.34
N LYS A 429 -1.67 19.19 38.75
CA LYS A 429 -2.14 19.13 40.13
C LYS A 429 -3.42 18.31 40.19
N GLY A 430 -3.48 17.39 41.15
CA GLY A 430 -4.63 16.52 41.30
C GLY A 430 -4.57 15.30 40.41
N LYS A 431 -5.66 14.53 40.45
CA LYS A 431 -5.77 13.31 39.67
C LYS A 431 -6.74 13.45 38.50
N GLU A 432 -7.23 14.66 38.23
CA GLU A 432 -8.16 14.91 37.14
C GLU A 432 -7.79 16.19 36.43
N TRP A 433 -8.16 16.26 35.14
CA TRP A 433 -7.85 17.43 34.33
C TRP A 433 -8.82 17.49 33.15
N GLN A 434 -9.41 18.65 32.92
CA GLN A 434 -10.16 18.92 31.71
C GLN A 434 -9.51 20.09 30.98
N LYS A 435 -9.70 20.12 29.65
CA LYS A 435 -9.12 21.18 28.85
C LYS A 435 -9.78 22.52 29.17
N ASP A 436 -11.11 22.53 29.24
CA ASP A 436 -11.87 23.71 29.61
C ASP A 436 -13.25 23.24 30.08
N SER A 437 -14.17 24.19 30.27
CA SER A 437 -15.51 23.86 30.72
C SER A 437 -16.28 23.04 29.68
N SER A 438 -15.86 23.07 28.41
CA SER A 438 -16.61 22.38 27.36
C SER A 438 -16.55 20.87 27.47
N TRP A 439 -15.61 20.32 28.26
CA TRP A 439 -15.66 18.88 28.50
C TRP A 439 -16.75 18.52 29.50
N GLY A 440 -16.94 19.36 30.52
CA GLY A 440 -18.00 19.14 31.49
C GLY A 440 -17.73 18.00 32.45
N GLY A 441 -18.57 16.97 32.41
CA GLY A 441 -18.46 15.86 33.33
C GLY A 441 -17.28 14.95 33.08
N TYR A 442 -16.55 15.12 31.99
CA TYR A 442 -15.41 14.27 31.67
C TYR A 442 -14.10 15.00 31.88
N SER A 443 -13.13 14.30 32.45
CA SER A 443 -11.78 14.80 32.61
C SER A 443 -10.81 13.63 32.49
N VAL A 444 -9.58 13.92 32.08
CA VAL A 444 -8.53 12.91 32.01
C VAL A 444 -8.05 12.61 33.42
N THR A 445 -7.97 11.32 33.75
CA THR A 445 -7.64 10.88 35.11
C THR A 445 -6.27 10.22 35.13
N ARG A 446 -5.40 10.67 36.03
CA ARG A 446 -4.13 10.01 36.31
C ARG A 446 -4.23 9.25 37.62
N VAL A 447 -3.46 8.15 37.70
CA VAL A 447 -3.61 7.25 38.84
C VAL A 447 -2.97 7.81 40.09
N SER A 448 -1.91 8.60 39.96
CA SER A 448 -1.18 9.15 41.09
C SER A 448 -1.16 10.68 41.01
N GLU A 449 -0.87 11.31 42.16
CA GLU A 449 -0.73 12.75 42.24
C GLU A 449 0.52 13.16 43.00
N ARG A 450 1.51 12.27 43.10
CA ARG A 450 2.75 12.59 43.80
C ARG A 450 3.48 13.74 43.13
N LEU A 451 3.69 13.65 41.81
CA LEU A 451 4.51 14.61 41.10
C LEU A 451 3.64 15.74 40.55
N GLN A 452 4.01 16.98 40.88
CA GLN A 452 3.35 18.15 40.31
C GLN A 452 4.10 18.74 39.13
N GLN A 453 5.41 18.49 39.03
CA GLN A 453 6.23 18.87 37.88
C GLN A 453 6.70 17.58 37.22
N VAL A 454 6.15 17.28 36.05
CA VAL A 454 6.26 15.95 35.45
C VAL A 454 6.97 16.08 34.10
N ASP A 455 8.18 15.55 34.01
CA ASP A 455 8.89 15.46 32.74
C ASP A 455 8.57 14.12 32.06
N LEU A 456 9.19 13.87 30.91
CA LEU A 456 8.83 12.70 30.10
C LEU A 456 9.17 11.40 30.81
N GLU A 457 10.39 11.30 31.36
CA GLU A 457 10.83 10.08 32.01
C GLU A 457 9.87 9.68 33.12
N ASN A 458 9.59 10.60 34.04
CA ASN A 458 8.69 10.33 35.15
C ASN A 458 7.25 10.21 34.69
N ALA A 459 6.91 10.79 33.53
CA ALA A 459 5.58 10.58 32.97
C ALA A 459 5.40 9.13 32.52
N LEU A 460 6.41 8.57 31.86
CA LEU A 460 6.34 7.18 31.46
C LEU A 460 6.37 6.24 32.67
N ILE A 461 7.24 6.54 33.65
CA ILE A 461 7.38 5.64 34.80
C ILE A 461 6.09 5.57 35.61
N THR A 462 5.43 6.71 35.81
CA THR A 462 4.18 6.75 36.56
C THR A 462 2.96 6.58 35.66
N SER A 463 3.17 6.33 34.37
CA SER A 463 2.11 6.18 33.38
C SER A 463 1.03 7.25 33.55
N ASP A 464 1.49 8.50 33.44
CA ASP A 464 0.66 9.67 33.70
C ASP A 464 -0.23 9.96 32.50
N ASN A 465 -1.53 9.71 32.65
CA ASN A 465 -2.45 9.89 31.52
C ASN A 465 -2.63 11.36 31.15
N ILE A 466 -2.59 12.26 32.13
CA ILE A 466 -2.82 13.67 31.85
C ILE A 466 -1.66 14.25 31.06
N TYR A 467 -0.43 13.87 31.40
CA TYR A 467 0.73 14.29 30.63
C TYR A 467 0.54 14.03 29.15
N PHE A 468 0.11 12.81 28.80
CA PHE A 468 0.04 12.44 27.39
C PHE A 468 -1.23 12.95 26.73
N ALA A 469 -2.32 13.12 27.48
CA ALA A 469 -3.47 13.82 26.95
C ALA A 469 -3.10 15.24 26.52
N GLN A 470 -2.35 15.94 27.40
CA GLN A 470 -1.87 17.28 27.04
C GLN A 470 -0.85 17.24 25.92
N ASN A 471 -0.04 16.18 25.84
CA ASN A 471 0.85 16.01 24.70
C ASN A 471 0.06 15.98 23.39
N ALA A 472 -0.98 15.15 23.35
CA ALA A 472 -1.82 15.07 22.15
C ALA A 472 -2.46 16.41 21.84
N LEU A 473 -3.02 17.08 22.85
CA LEU A 473 -3.71 18.34 22.63
C LEU A 473 -2.74 19.42 22.14
N ASP A 474 -1.62 19.60 22.85
CA ASP A 474 -0.61 20.57 22.43
C ASP A 474 -0.07 20.24 21.06
N MET A 475 -0.08 18.96 20.67
CA MET A 475 0.45 18.58 19.38
C MET A 475 -0.49 18.97 18.26
N GLY A 476 -1.78 18.81 18.46
CA GLY A 476 -2.78 19.02 17.42
C GLY A 476 -3.13 17.73 16.71
N ALA A 477 -4.32 17.74 16.10
CA ALA A 477 -4.79 16.52 15.43
C ALA A 477 -4.00 16.24 14.15
N ASP A 478 -3.70 17.28 13.37
CA ASP A 478 -3.04 17.05 12.07
C ASP A 478 -1.65 16.47 12.25
N THR A 479 -0.82 17.09 13.09
CA THR A 479 0.53 16.59 13.27
C THR A 479 0.53 15.21 13.89
N PHE A 480 -0.40 14.94 14.82
CA PHE A 480 -0.44 13.64 15.48
C PHE A 480 -0.91 12.54 14.52
N THR A 481 -1.85 12.86 13.63
CA THR A 481 -2.23 11.90 12.59
C THR A 481 -1.07 11.62 11.65
N LYS A 482 -0.39 12.68 11.19
CA LYS A 482 0.76 12.48 10.30
C LYS A 482 1.85 11.68 10.99
N GLY A 483 2.07 11.93 12.29
CA GLY A 483 3.10 11.20 13.01
C GLY A 483 2.76 9.73 13.15
N LEU A 484 1.52 9.44 13.55
CA LEU A 484 1.08 8.05 13.61
C LEU A 484 1.20 7.37 12.25
N LYS A 485 1.03 8.13 11.17
CA LYS A 485 1.22 7.53 9.85
C LYS A 485 2.70 7.26 9.57
N THR A 486 3.60 8.10 10.09
CA THR A 486 5.02 7.77 9.91
C THR A 486 5.42 6.52 10.70
N PHE A 487 4.69 6.16 11.76
CA PHE A 487 4.98 4.89 12.43
C PHE A 487 4.20 3.73 11.84
N GLY A 488 3.56 3.91 10.69
CA GLY A 488 2.96 2.80 9.99
C GLY A 488 1.48 2.58 10.20
N PHE A 489 0.79 3.52 10.83
CA PHE A 489 -0.67 3.43 10.88
C PHE A 489 -1.27 3.71 9.51
N SER A 490 -2.46 3.16 9.29
CA SER A 490 -3.33 3.48 8.16
C SER A 490 -2.80 3.04 6.81
N GLU A 491 -1.70 2.30 6.77
CA GLU A 491 -1.15 1.80 5.52
C GLU A 491 -1.01 0.28 5.56
N ASP A 492 -0.93 -0.31 4.37
CA ASP A 492 -0.59 -1.72 4.26
C ASP A 492 0.72 -1.99 4.97
N VAL A 493 0.79 -3.12 5.67
CA VAL A 493 1.98 -3.50 6.42
C VAL A 493 2.91 -4.25 5.47
N PRO A 494 4.09 -3.70 5.15
CA PRO A 494 5.02 -4.43 4.28
C PRO A 494 5.62 -5.64 4.97
N TYR A 495 4.94 -6.78 4.87
CA TYR A 495 5.36 -7.98 5.58
C TYR A 495 4.78 -9.18 4.86
N GLU A 496 5.56 -10.26 4.78
CA GLU A 496 5.18 -11.39 3.93
C GLU A 496 4.00 -12.18 4.48
N PHE A 497 3.74 -12.08 5.78
CA PHE A 497 2.58 -12.70 6.39
C PHE A 497 1.49 -11.64 6.49
N PRO A 498 0.30 -11.85 5.93
CA PRO A 498 -0.69 -10.75 5.88
C PRO A 498 -1.02 -10.24 7.28
N ILE A 499 -0.94 -8.93 7.45
CA ILE A 499 -1.20 -8.26 8.72
C ILE A 499 -2.35 -7.28 8.49
N GLN A 500 -3.44 -7.45 9.24
CA GLN A 500 -4.52 -6.46 9.22
C GLN A 500 -3.97 -5.08 9.59
N LYS A 501 -4.49 -4.06 8.92
CA LYS A 501 -3.95 -2.72 9.09
C LYS A 501 -4.30 -2.14 10.46
N SER A 502 -3.40 -1.33 10.97
CA SER A 502 -3.64 -0.61 12.22
C SER A 502 -4.50 0.62 11.96
N SER A 503 -5.32 0.97 12.95
CA SER A 503 -6.30 2.03 12.83
C SER A 503 -6.01 3.11 13.86
N ILE A 504 -6.07 4.37 13.43
CA ILE A 504 -5.88 5.48 14.36
C ILE A 504 -7.16 5.71 15.16
N ALA A 505 -8.30 5.74 14.48
CA ALA A 505 -9.59 5.92 15.12
C ALA A 505 -10.65 5.28 14.23
N ASN A 506 -11.88 5.20 14.75
CA ASN A 506 -12.96 4.63 13.96
C ASN A 506 -13.19 5.43 12.69
N ASP A 507 -13.16 6.76 12.81
CA ASP A 507 -13.13 7.62 11.63
C ASP A 507 -11.84 8.42 11.65
N LYS A 508 -11.88 9.60 12.28
CA LYS A 508 -10.71 10.45 12.40
C LYS A 508 -10.67 11.04 13.80
N LEU A 509 -9.55 11.69 14.12
CA LEU A 509 -9.40 12.39 15.41
C LEU A 509 -10.19 13.69 15.32
N ASP A 510 -11.50 13.57 15.57
CA ASP A 510 -12.47 14.61 15.26
C ASP A 510 -12.95 15.37 16.48
N SER A 511 -12.21 15.35 17.58
CA SER A 511 -12.58 16.10 18.78
C SER A 511 -11.40 16.16 19.72
N ASP A 512 -11.35 17.22 20.53
CA ASP A 512 -10.28 17.34 21.51
C ASP A 512 -10.30 16.19 22.52
N ILE A 513 -11.49 15.67 22.84
CA ILE A 513 -11.59 14.61 23.83
C ILE A 513 -11.06 13.29 23.26
N LEU A 514 -11.50 12.93 22.06
CA LEU A 514 -10.97 11.73 21.40
C LEU A 514 -9.47 11.87 21.15
N LEU A 515 -9.03 13.07 20.78
CA LEU A 515 -7.60 13.31 20.60
C LEU A 515 -6.82 13.04 21.89
N ALA A 516 -7.28 13.63 23.00
CA ALA A 516 -6.61 13.44 24.27
C ALA A 516 -6.60 11.98 24.68
N ASP A 517 -7.74 11.30 24.53
CA ASP A 517 -7.84 9.90 24.92
C ASP A 517 -6.89 9.03 24.09
N THR A 518 -6.85 9.26 22.78
CA THR A 518 -5.88 8.56 21.93
C THR A 518 -4.45 8.87 22.36
N GLY A 519 -4.22 10.07 22.91
CA GLY A 519 -2.88 10.40 23.38
C GLY A 519 -2.35 9.42 24.41
N TYR A 520 -3.14 9.12 25.44
CA TYR A 520 -2.72 8.20 26.49
C TYR A 520 -3.31 6.81 26.33
N GLY A 521 -3.91 6.51 25.18
CA GLY A 521 -4.27 5.15 24.84
C GLY A 521 -5.65 4.68 25.25
N GLN A 522 -6.60 5.58 25.45
CA GLN A 522 -7.94 5.16 25.79
C GLN A 522 -8.94 5.73 24.79
N GLY A 523 -8.64 5.54 23.49
CA GLY A 523 -9.49 6.06 22.44
C GLY A 523 -10.06 4.98 21.53
N GLN A 524 -9.87 5.13 20.22
CA GLN A 524 -10.43 4.23 19.22
C GLN A 524 -9.37 3.44 18.47
N MET A 525 -8.12 3.50 18.91
CA MET A 525 -7.00 2.94 18.16
C MET A 525 -6.95 1.42 18.27
N GLN A 526 -6.48 0.78 17.21
CA GLN A 526 -6.20 -0.66 17.24
C GLN A 526 -4.93 -0.97 16.46
N MET A 527 -4.05 -1.76 17.08
CA MET A 527 -2.80 -2.20 16.47
C MET A 527 -2.73 -3.72 16.50
N SER A 528 -1.91 -4.26 15.60
CA SER A 528 -1.56 -5.66 15.65
C SER A 528 -0.30 -5.85 16.50
N PRO A 529 -0.16 -7.01 17.15
CA PRO A 529 1.11 -7.29 17.84
C PRO A 529 2.34 -7.14 16.96
N LEU A 530 2.28 -7.65 15.73
CA LEU A 530 3.40 -7.48 14.80
C LEU A 530 3.70 -5.99 14.60
N HIS A 531 2.67 -5.18 14.40
CA HIS A 531 2.92 -3.75 14.19
C HIS A 531 3.46 -3.08 15.44
N LEU A 532 2.97 -3.44 16.61
CA LEU A 532 3.47 -2.81 17.84
C LEU A 532 4.94 -3.14 18.05
N ALA A 533 5.32 -4.40 17.84
CA ALA A 533 6.72 -4.78 17.83
C ALA A 533 7.51 -3.91 16.86
N THR A 534 7.01 -3.77 15.63
CA THR A 534 7.72 -2.97 14.63
C THR A 534 7.84 -1.51 15.04
N ALA A 535 6.79 -0.97 15.65
CA ALA A 535 6.72 0.45 15.98
C ALA A 535 7.52 0.81 17.24
N TYR A 536 7.99 -0.16 18.01
CA TYR A 536 9.00 0.25 18.99
C TYR A 536 10.44 0.17 18.48
N THR A 537 10.66 -0.22 17.22
CA THR A 537 12.04 -0.33 16.74
C THR A 537 12.77 1.00 16.58
N PRO A 538 12.09 2.14 16.34
CA PRO A 538 12.83 3.41 16.31
C PRO A 538 13.45 3.80 17.65
N PHE A 539 12.99 3.21 18.75
CA PHE A 539 13.48 3.58 20.08
C PHE A 539 14.81 2.92 20.41
N VAL A 540 15.25 1.96 19.61
CA VAL A 540 16.34 1.08 20.03
C VAL A 540 17.69 1.75 19.83
N ASP A 541 17.84 2.50 18.74
CA ASP A 541 19.16 3.00 18.37
C ASP A 541 19.07 4.18 17.42
N ASN A 542 18.57 3.93 16.21
CA ASN A 542 18.76 4.82 15.07
C ASN A 542 17.63 5.82 14.91
N GLY A 543 16.39 5.43 15.21
CA GLY A 543 15.23 6.25 14.94
C GLY A 543 14.44 5.79 13.73
N ASP A 544 14.93 4.82 12.98
CA ASP A 544 14.23 4.34 11.79
C ASP A 544 13.17 3.32 12.15
N LEU A 545 12.04 3.40 11.47
CA LEU A 545 11.03 2.35 11.53
C LEU A 545 11.46 1.22 10.60
N VAL A 546 11.74 0.06 11.19
CA VAL A 546 12.36 -1.04 10.45
C VAL A 546 11.30 -1.84 9.71
N LYS A 547 11.62 -2.27 8.49
CA LYS A 547 10.74 -3.13 7.70
C LYS A 547 10.88 -4.57 8.19
N PRO A 548 9.85 -5.14 8.79
CA PRO A 548 9.95 -6.52 9.27
C PRO A 548 9.91 -7.51 8.12
N THR A 549 10.55 -8.66 8.32
CA THR A 549 10.60 -9.71 7.31
C THR A 549 10.59 -11.07 7.96
N LEU A 550 9.85 -12.01 7.34
CA LEU A 550 9.95 -13.43 7.68
C LEU A 550 10.97 -14.19 6.84
N ILE A 551 11.31 -13.69 5.67
CA ILE A 551 12.08 -14.46 4.69
C ILE A 551 13.56 -14.27 4.95
N LYS A 552 14.27 -15.37 5.19
CA LYS A 552 15.71 -15.33 5.32
C LYS A 552 16.35 -14.82 4.04
N LYS A 553 17.19 -13.80 4.17
CA LYS A 553 17.93 -13.26 3.05
C LYS A 553 19.43 -13.33 3.33
N ASP A 554 20.19 -13.82 2.36
CA ASP A 554 21.64 -13.88 2.49
C ASP A 554 22.26 -12.48 2.53
N SER A 555 21.50 -11.46 2.15
CA SER A 555 21.96 -10.08 2.25
C SER A 555 21.81 -9.56 3.68
N GLN A 556 22.88 -9.01 4.22
CA GLN A 556 22.84 -8.39 5.54
C GLN A 556 22.47 -6.90 5.36
N THR A 557 21.23 -6.70 4.93
CA THR A 557 20.69 -5.36 4.69
C THR A 557 19.38 -5.24 5.45
N ALA A 558 19.38 -4.42 6.50
CA ALA A 558 18.18 -4.16 7.29
C ALA A 558 17.34 -3.11 6.58
N ASP A 559 16.24 -3.54 5.95
CA ASP A 559 15.42 -2.62 5.19
C ASP A 559 14.64 -1.70 6.11
N VAL A 560 14.56 -0.43 5.74
CA VAL A 560 13.83 0.58 6.50
C VAL A 560 12.46 0.76 5.88
N TRP A 561 11.45 0.94 6.73
CA TRP A 561 10.09 1.19 6.28
C TRP A 561 9.72 2.66 6.30
N HIS A 562 10.14 3.43 7.30
CA HIS A 562 10.16 4.88 7.21
C HIS A 562 11.39 5.41 7.93
N LYS A 563 12.16 6.27 7.25
CA LYS A 563 13.41 6.77 7.80
C LYS A 563 13.15 7.82 8.88
N GLN A 564 13.96 7.77 9.93
CA GLN A 564 14.08 8.84 10.93
C GLN A 564 12.72 9.33 11.40
N VAL A 565 11.84 8.39 11.80
CA VAL A 565 10.57 8.78 12.38
C VAL A 565 10.74 9.37 13.78
N VAL A 566 11.92 9.19 14.37
CA VAL A 566 12.32 9.90 15.57
C VAL A 566 13.82 10.11 15.49
N THR A 567 14.32 11.13 16.16
CA THR A 567 15.75 11.37 16.16
C THR A 567 16.46 10.40 17.11
N LYS A 568 17.77 10.28 16.92
CA LYS A 568 18.59 9.47 17.82
C LYS A 568 18.45 9.96 19.25
N GLU A 569 18.55 11.27 19.46
CA GLU A 569 18.43 11.82 20.80
C GLU A 569 17.01 11.69 21.34
N GLY A 570 16.00 11.79 20.48
CA GLY A 570 14.63 11.50 20.91
C GLY A 570 14.46 10.05 21.32
N ALA A 571 15.07 9.14 20.58
CA ALA A 571 15.03 7.73 20.95
C ALA A 571 15.71 7.49 22.29
N ALA A 572 16.82 8.20 22.55
CA ALA A 572 17.47 8.08 23.85
C ALA A 572 16.60 8.62 24.97
N ASP A 573 15.94 9.76 24.73
CA ASP A 573 15.03 10.31 25.72
C ASP A 573 13.90 9.34 26.04
N ILE A 574 13.34 8.71 25.01
CA ILE A 574 12.26 7.75 25.23
C ILE A 574 12.78 6.49 25.94
N THR A 575 13.98 6.03 25.55
CA THR A 575 14.57 4.87 26.19
C THR A 575 14.81 5.10 27.67
N LYS A 576 15.14 6.33 28.06
CA LYS A 576 15.31 6.62 29.49
C LYS A 576 14.04 6.27 30.27
N GLY A 577 12.89 6.75 29.80
CA GLY A 577 11.64 6.49 30.50
C GLY A 577 11.21 5.04 30.40
N LEU A 578 11.44 4.41 29.25
CA LEU A 578 11.07 3.00 29.12
C LEU A 578 11.94 2.12 30.01
N LYS A 579 13.22 2.47 30.14
CA LYS A 579 14.08 1.85 31.14
C LYS A 579 13.49 2.01 32.53
N GLY A 580 13.12 3.24 32.90
CA GLY A 580 12.54 3.47 34.20
C GLY A 580 11.30 2.65 34.47
N VAL A 581 10.48 2.41 33.43
CA VAL A 581 9.29 1.58 33.60
C VAL A 581 9.65 0.20 34.14
N VAL A 582 10.84 -0.29 33.84
CA VAL A 582 11.26 -1.63 34.24
C VAL A 582 12.14 -1.59 35.48
N GLU A 583 12.98 -0.56 35.62
CA GLU A 583 14.00 -0.52 36.66
C GLU A 583 13.66 0.38 37.84
N ASP A 584 12.83 1.41 37.64
CA ASP A 584 12.39 2.24 38.75
C ASP A 584 11.25 1.54 39.48
N GLU A 585 11.33 1.55 40.82
CA GLU A 585 10.36 0.85 41.65
C GLU A 585 8.93 1.31 41.37
N ARG A 586 8.76 2.57 40.98
CA ARG A 586 7.43 3.10 40.66
C ARG A 586 6.88 2.57 39.35
N GLY A 587 7.70 1.88 38.55
CA GLY A 587 7.27 1.49 37.22
C GLY A 587 6.25 0.38 37.24
N SER A 588 5.51 0.29 36.13
CA SER A 588 4.51 -0.76 35.97
C SER A 588 5.12 -2.12 35.69
N ALA A 589 6.38 -2.16 35.26
CA ALA A 589 7.07 -3.42 34.95
C ALA A 589 8.25 -3.64 35.90
N TYR A 590 8.13 -3.20 37.15
CA TYR A 590 9.20 -3.41 38.12
C TYR A 590 9.19 -4.84 38.65
N GLN A 591 8.01 -5.36 39.01
CA GLN A 591 7.82 -6.72 39.48
C GLN A 591 7.59 -7.66 38.30
N PRO A 592 8.22 -8.85 38.29
CA PRO A 592 9.23 -9.26 39.27
C PRO A 592 10.62 -8.70 38.93
N VAL A 593 11.42 -8.42 39.96
CA VAL A 593 12.78 -7.93 39.74
C VAL A 593 13.63 -9.07 39.20
N VAL A 594 14.20 -8.87 38.01
CA VAL A 594 14.97 -9.90 37.33
C VAL A 594 16.40 -9.39 37.17
N LYS A 595 17.31 -9.97 37.93
CA LYS A 595 18.72 -9.60 37.82
C LYS A 595 19.27 -10.00 36.45
N GLY A 596 20.08 -9.13 35.86
CA GLY A 596 20.78 -9.47 34.64
C GLY A 596 20.23 -8.82 33.39
N ILE A 597 18.90 -8.76 33.26
CA ILE A 597 18.29 -8.23 32.06
C ILE A 597 18.52 -6.71 31.98
N THR A 598 18.73 -6.22 30.76
CA THR A 598 18.83 -4.79 30.46
C THR A 598 17.72 -4.46 29.47
N VAL A 599 16.50 -4.40 29.96
CA VAL A 599 15.31 -4.31 29.13
C VAL A 599 14.58 -3.01 29.43
N ALA A 600 14.28 -2.26 28.38
CA ALA A 600 13.40 -1.10 28.46
C ALA A 600 12.09 -1.42 27.76
N GLY A 601 10.98 -0.97 28.32
CA GLY A 601 9.70 -1.33 27.73
C GLY A 601 8.56 -0.56 28.32
N LYS A 602 7.35 -1.01 27.98
CA LYS A 602 6.12 -0.32 28.30
C LYS A 602 5.00 -1.34 28.43
N THR A 603 4.11 -1.13 29.40
CA THR A 603 2.98 -2.01 29.64
C THR A 603 1.71 -1.35 29.14
N GLY A 604 0.65 -2.15 29.04
CA GLY A 604 -0.65 -1.63 28.65
C GLY A 604 -1.76 -2.54 29.13
N THR A 605 -2.92 -1.93 29.38
CA THR A 605 -4.12 -2.68 29.73
C THR A 605 -5.30 -2.04 29.03
N ALA A 606 -5.99 -2.82 28.20
CA ALA A 606 -7.16 -2.35 27.47
C ALA A 606 -8.39 -3.11 27.98
N GLU A 607 -9.37 -2.38 28.50
CA GLU A 607 -10.54 -3.02 29.05
C GLU A 607 -11.56 -3.36 27.97
N LEU A 608 -12.44 -4.30 28.29
CA LEU A 608 -13.45 -4.77 27.34
C LEU A 608 -14.79 -4.97 28.03
N ASP A 616 -19.32 -5.36 33.98
CA ASP A 616 -18.52 -6.52 34.34
C ASP A 616 -17.91 -7.18 33.10
N GLY A 617 -16.70 -6.75 32.75
CA GLY A 617 -16.02 -7.27 31.57
C GLY A 617 -14.57 -7.65 31.82
N THR A 618 -13.85 -7.98 30.75
CA THR A 618 -12.49 -8.48 30.82
C THR A 618 -11.52 -7.38 30.37
N GLU A 619 -10.22 -7.68 30.48
CA GLU A 619 -9.22 -6.73 30.03
C GLU A 619 -7.99 -7.49 29.52
N ASN A 620 -7.36 -6.91 28.51
CA ASN A 620 -6.20 -7.50 27.86
C ASN A 620 -4.94 -6.79 28.34
N GLY A 621 -3.85 -7.54 28.49
CA GLY A 621 -2.59 -7.01 28.97
C GLY A 621 -1.53 -7.06 27.88
N TRP A 622 -0.68 -6.04 27.84
CA TRP A 622 0.38 -5.86 26.87
C TRP A 622 1.70 -5.59 27.58
N PHE A 623 2.78 -6.12 27.01
CA PHE A 623 4.12 -5.64 27.31
C PHE A 623 4.95 -5.61 26.04
N VAL A 624 5.57 -4.47 25.76
CA VAL A 624 6.48 -4.31 24.63
C VAL A 624 7.84 -3.92 25.18
N GLY A 625 8.87 -4.65 24.80
CA GLY A 625 10.18 -4.40 25.36
C GLY A 625 11.30 -4.71 24.40
N TYR A 626 12.46 -4.13 24.69
CA TYR A 626 13.65 -4.34 23.88
C TYR A 626 14.88 -4.21 24.78
N ASP A 627 15.96 -4.83 24.33
CA ASP A 627 17.22 -4.85 25.07
C ASP A 627 17.98 -3.57 24.76
N TYR A 628 17.89 -2.59 25.66
CA TYR A 628 18.49 -1.27 25.40
C TYR A 628 20.02 -1.31 25.43
N GLU A 629 20.63 -2.43 25.80
CA GLU A 629 22.08 -2.56 25.81
C GLU A 629 22.62 -3.42 24.69
N ASN A 630 21.99 -4.57 24.41
CA ASN A 630 22.44 -5.46 23.35
C ASN A 630 21.77 -5.18 22.02
N LYS A 631 20.57 -4.58 22.04
CA LYS A 631 19.93 -4.01 20.86
C LYS A 631 19.65 -5.06 19.78
N ASP A 632 19.55 -6.33 20.15
CA ASP A 632 19.37 -7.41 19.18
C ASP A 632 18.12 -8.24 19.47
N LEU A 633 17.20 -7.72 20.29
CA LEU A 633 15.98 -8.45 20.60
C LEU A 633 14.89 -7.47 21.01
N LEU A 634 13.69 -7.67 20.45
CA LEU A 634 12.50 -6.92 20.81
C LEU A 634 11.32 -7.89 20.84
N VAL A 635 10.52 -7.84 21.89
CA VAL A 635 9.35 -8.71 21.96
C VAL A 635 8.12 -7.88 22.31
N ALA A 636 7.01 -8.19 21.66
CA ALA A 636 5.70 -7.68 22.04
C ALA A 636 4.83 -8.86 22.45
N MET A 637 4.16 -8.74 23.58
CA MET A 637 3.36 -9.84 24.09
C MET A 637 2.02 -9.29 24.54
N MET A 638 0.96 -10.04 24.23
CA MET A 638 -0.41 -9.64 24.56
C MET A 638 -1.17 -10.87 25.05
N ILE A 639 -1.71 -10.80 26.25
CA ILE A 639 -2.46 -11.92 26.84
C ILE A 639 -3.85 -11.44 27.24
N GLN A 640 -4.86 -12.22 26.87
CA GLN A 640 -6.25 -11.90 27.15
C GLN A 640 -6.68 -12.40 28.52
N ASN A 641 -7.74 -11.78 29.04
CA ASN A 641 -8.39 -12.20 30.29
C ASN A 641 -7.41 -12.18 31.46
N VAL A 642 -6.85 -10.99 31.70
CA VAL A 642 -5.85 -10.79 32.74
C VAL A 642 -6.37 -9.93 33.89
N GLN A 643 -7.67 -9.59 33.88
CA GLN A 643 -8.21 -8.66 34.87
C GLN A 643 -8.15 -9.22 36.29
N ASP A 644 -8.27 -10.54 36.44
CA ASP A 644 -8.20 -11.17 37.75
C ASP A 644 -6.84 -11.80 38.01
N ARG A 645 -5.83 -11.48 37.19
CA ARG A 645 -4.50 -12.05 37.32
C ARG A 645 -3.42 -10.98 37.44
N GLY A 646 -3.78 -9.78 37.85
CA GLY A 646 -2.82 -8.71 37.94
C GLY A 646 -2.60 -7.91 36.68
N GLY A 647 -3.47 -8.06 35.69
CA GLY A 647 -3.38 -7.25 34.48
C GLY A 647 -2.05 -7.40 33.78
N SER A 648 -1.47 -6.25 33.39
CA SER A 648 -0.23 -6.26 32.61
C SER A 648 0.90 -6.98 33.35
N HIS A 649 0.86 -6.99 34.69
CA HIS A 649 1.86 -7.73 35.45
C HIS A 649 1.97 -9.18 34.97
N TYR A 650 0.82 -9.83 34.77
CA TYR A 650 0.81 -11.21 34.31
C TYR A 650 1.60 -11.35 33.02
N VAL A 651 1.48 -10.37 32.13
CA VAL A 651 2.26 -10.40 30.89
C VAL A 651 3.73 -10.11 31.17
N VAL A 652 4.00 -9.10 32.02
CA VAL A 652 5.38 -8.67 32.25
C VAL A 652 6.24 -9.83 32.75
N GLU A 653 5.72 -10.58 33.72
CA GLU A 653 6.46 -11.72 34.24
C GLU A 653 6.87 -12.68 33.14
N LYS A 654 5.98 -12.93 32.18
CA LYS A 654 6.31 -13.87 31.10
C LYS A 654 7.26 -13.25 30.09
N ALA A 655 7.26 -11.92 29.96
CA ALA A 655 8.04 -11.28 28.91
C ALA A 655 9.52 -11.14 29.30
N LYS A 656 9.79 -10.73 30.54
CA LYS A 656 11.17 -10.55 30.98
C LYS A 656 12.00 -11.82 30.80
N LYS A 657 11.37 -13.00 30.95
CA LYS A 657 12.10 -14.26 30.80
C LYS A 657 12.75 -14.38 29.43
N GLN A 658 12.21 -13.72 28.41
CA GLN A 658 12.66 -13.95 27.04
C GLN A 658 14.02 -13.32 26.76
N PHE A 659 14.51 -12.45 27.64
CA PHE A 659 15.66 -11.62 27.34
C PHE A 659 16.94 -12.17 27.94
N GLN A 660 18.05 -11.90 27.24
CA GLN A 660 19.40 -12.23 27.67
C GLN A 660 19.67 -11.67 29.06
N SER A 661 19.84 -12.54 30.05
CA SER A 661 20.16 -12.14 31.42
C SER A 661 21.66 -12.19 31.70
N ASN A 662 22.49 -12.09 30.66
CA ASN A 662 23.92 -12.26 30.80
C ASN A 662 24.61 -10.94 31.11
N TRP B 32 -11.52 34.42 48.52
CA TRP B 32 -11.69 33.36 49.51
C TRP B 32 -11.58 31.98 48.86
N ASN B 33 -12.30 31.79 47.74
CA ASN B 33 -12.29 30.51 47.03
C ASN B 33 -11.29 30.49 45.88
N ASP B 34 -11.43 31.40 44.91
CA ASP B 34 -10.42 31.70 43.90
C ASP B 34 -10.23 30.61 42.87
N GLN B 35 -9.75 31.01 41.67
CA GLN B 35 -9.11 30.13 40.70
C GLN B 35 -9.95 28.93 40.29
N GLN B 36 -9.29 27.87 39.82
CA GLN B 36 -9.91 26.64 39.35
C GLN B 36 -10.91 26.86 38.22
N PHE B 37 -11.00 28.08 37.71
CA PHE B 37 -11.84 28.44 36.57
C PHE B 37 -13.33 28.23 36.84
N ASP B 38 -13.73 28.22 38.11
CA ASP B 38 -15.12 28.01 38.50
C ASP B 38 -15.77 29.37 38.72
N ASP B 39 -16.78 29.68 37.90
CA ASP B 39 -17.50 30.94 38.02
C ASP B 39 -18.14 31.10 39.39
N MET B 40 -17.53 31.91 40.25
CA MET B 40 -18.06 32.22 41.57
C MET B 40 -18.86 33.52 41.55
N TYR B 41 -19.76 33.61 40.56
CA TYR B 41 -20.66 34.75 40.46
C TYR B 41 -21.49 34.93 41.73
N GLN B 42 -21.74 33.84 42.45
CA GLN B 42 -22.51 33.88 43.70
C GLN B 42 -21.64 34.38 44.84
N SER B 43 -20.72 35.30 44.56
CA SER B 43 -19.84 35.87 45.57
C SER B 43 -19.74 37.39 45.49
N LEU B 44 -20.27 38.02 44.45
CA LEU B 44 -20.15 39.46 44.27
C LEU B 44 -21.09 40.20 45.22
N THR B 45 -21.13 41.52 45.08
CA THR B 45 -22.07 42.34 45.82
C THR B 45 -23.36 42.53 45.00
N LYS B 46 -24.37 43.08 45.67
CA LYS B 46 -25.66 43.28 45.00
C LYS B 46 -25.54 44.27 43.84
N ASP B 47 -24.65 45.25 43.95
CA ASP B 47 -24.53 46.26 42.90
C ASP B 47 -23.94 45.68 41.62
N VAL B 48 -22.93 44.81 41.76
CA VAL B 48 -22.29 44.24 40.58
C VAL B 48 -23.21 43.23 39.91
N LYS B 49 -24.02 42.51 40.69
CA LYS B 49 -24.97 41.57 40.10
C LYS B 49 -26.08 42.26 39.33
N LYS B 50 -26.37 43.53 39.65
CA LYS B 50 -27.40 44.26 38.92
C LYS B 50 -26.93 44.63 37.53
N GLU B 51 -25.66 44.99 37.38
CA GLU B 51 -25.12 45.41 36.08
C GLU B 51 -24.89 44.20 35.18
N ILE B 52 -24.06 43.26 35.62
CA ILE B 52 -23.68 42.10 34.83
C ILE B 52 -24.33 40.86 35.43
N SER B 53 -24.94 40.04 34.57
CA SER B 53 -25.58 38.80 34.98
C SER B 53 -24.57 37.65 35.03
N LYS B 54 -25.00 36.53 35.59
CA LYS B 54 -24.14 35.34 35.64
C LYS B 54 -23.76 34.87 34.24
N LYS B 55 -24.71 34.91 33.30
CA LYS B 55 -24.46 34.45 31.95
C LYS B 55 -23.34 35.24 31.30
N ASP B 56 -23.46 36.58 31.29
CA ASP B 56 -22.43 37.40 30.65
C ASP B 56 -21.11 37.38 31.41
N PHE B 57 -21.16 37.27 32.74
CA PHE B 57 -19.96 37.11 33.54
C PHE B 57 -19.15 35.90 33.06
N VAL B 58 -19.80 34.73 33.04
CA VAL B 58 -19.13 33.50 32.62
C VAL B 58 -18.73 33.59 31.15
N ASN B 59 -19.58 34.20 30.31
CA ASN B 59 -19.25 34.33 28.89
C ASN B 59 -17.97 35.12 28.68
N ARG B 60 -17.85 36.27 29.35
CA ARG B 60 -16.69 37.13 29.13
C ARG B 60 -15.42 36.48 29.68
N TYR B 61 -15.49 35.92 30.89
CA TYR B 61 -14.34 35.17 31.40
C TYR B 61 -13.93 34.04 30.45
N LYS B 62 -14.89 33.26 29.97
CA LYS B 62 -14.56 32.13 29.10
C LYS B 62 -13.93 32.60 27.81
N ALA B 63 -14.56 33.56 27.13
CA ALA B 63 -14.06 34.00 25.83
C ALA B 63 -12.68 34.62 25.95
N ILE B 64 -12.41 35.34 27.05
CA ILE B 64 -11.10 35.97 27.16
C ILE B 64 -10.01 34.95 27.48
N TYR B 65 -10.27 34.03 28.41
CA TYR B 65 -9.27 33.03 28.76
C TYR B 65 -9.18 31.91 27.71
N GLU B 66 -9.12 32.28 26.44
CA GLU B 66 -8.84 31.33 25.36
C GLU B 66 -7.35 31.25 25.04
N GLN B 67 -6.50 31.89 25.86
CA GLN B 67 -5.06 31.80 25.75
C GLN B 67 -4.37 31.43 27.05
N ALA B 68 -5.07 31.49 28.18
CA ALA B 68 -4.45 31.27 29.47
C ALA B 68 -4.02 29.81 29.64
N GLY B 69 -3.16 29.59 30.63
CA GLY B 69 -2.62 28.28 30.92
C GLY B 69 -1.41 28.38 31.83
N VAL B 70 -1.56 27.94 33.07
CA VAL B 70 -0.51 28.04 34.09
C VAL B 70 -0.02 29.47 34.23
N SER B 98 1.23 36.41 37.03
CA SER B 98 -0.12 36.03 37.41
C SER B 98 -0.63 34.89 36.52
N MET B 99 -0.37 34.99 35.22
CA MET B 99 -0.88 34.03 34.26
C MET B 99 0.11 33.91 33.11
N ASN B 100 -0.20 33.01 32.17
CA ASN B 100 0.62 32.80 30.98
C ASN B 100 -0.31 32.69 29.77
N THR B 101 -0.30 33.71 28.92
CA THR B 101 -1.10 33.69 27.69
C THR B 101 -0.24 33.20 26.54
N ASN B 102 -0.55 33.64 25.32
CA ASN B 102 0.41 33.52 24.22
C ASN B 102 1.45 34.64 24.28
N ALA B 103 1.85 34.97 25.52
CA ALA B 103 2.69 36.08 25.94
C ALA B 103 2.44 36.25 27.44
N GLY B 104 3.51 36.25 28.25
CA GLY B 104 3.33 36.29 29.69
C GLY B 104 2.73 37.60 30.17
N LYS B 105 1.95 37.52 31.25
CA LYS B 105 1.26 38.68 31.80
C LYS B 105 1.10 38.53 33.30
N VAL B 106 1.31 39.62 34.03
CA VAL B 106 1.23 39.63 35.49
C VAL B 106 0.76 41.01 35.94
N SER B 107 -0.17 41.03 36.91
CA SER B 107 -0.74 42.27 37.41
C SER B 107 -0.96 42.17 38.92
N PHE B 108 -1.28 43.30 39.54
CA PHE B 108 -1.41 43.41 40.99
C PHE B 108 -2.75 44.01 41.36
N LYS B 109 -3.21 43.68 42.57
CA LYS B 109 -4.52 44.10 43.08
C LYS B 109 -4.64 45.63 43.15
N ASP B 128 -17.38 46.17 44.09
CA ASP B 128 -16.76 44.86 44.29
C ASP B 128 -15.98 44.44 43.04
N TRP B 129 -16.69 43.84 42.09
CA TRP B 129 -16.07 43.29 40.89
C TRP B 129 -16.12 44.31 39.75
N ASP B 130 -15.08 44.33 38.94
CA ASP B 130 -15.02 45.18 37.76
C ASP B 130 -14.17 44.48 36.71
N PRO B 131 -14.30 44.87 35.43
CA PRO B 131 -13.47 44.25 34.38
C PRO B 131 -11.97 44.36 34.65
N SER B 132 -11.57 45.18 35.61
CA SER B 132 -10.17 45.25 36.01
C SER B 132 -9.63 43.92 36.52
N PHE B 133 -10.50 42.95 36.82
CA PHE B 133 -10.05 41.64 37.27
C PHE B 133 -9.79 40.67 36.11
N ILE B 134 -10.30 40.96 34.92
CA ILE B 134 -9.85 40.24 33.73
C ILE B 134 -8.44 40.71 33.36
N PHE B 135 -8.27 42.01 33.16
CA PHE B 135 -6.96 42.64 33.06
C PHE B 135 -7.04 44.01 33.71
N LYS B 136 -5.94 44.43 34.35
CA LYS B 136 -5.92 45.69 35.09
C LYS B 136 -6.28 46.87 34.18
N GLN B 137 -5.89 46.81 32.91
CA GLN B 137 -6.11 47.91 31.99
C GLN B 137 -7.54 47.97 31.49
N LEU B 138 -8.51 47.58 32.32
CA LEU B 138 -9.89 47.48 31.89
C LEU B 138 -10.83 48.13 32.90
N ALA B 139 -12.02 48.45 32.40
CA ALA B 139 -13.13 49.02 33.17
C ALA B 139 -14.37 48.91 32.30
N ASP B 140 -15.46 49.54 32.74
CA ASP B 140 -16.69 49.51 31.95
C ASP B 140 -16.49 50.21 30.61
N ASP B 141 -17.26 49.77 29.61
CA ASP B 141 -17.20 50.33 28.25
C ASP B 141 -15.78 50.29 27.69
N LYS B 142 -15.07 49.20 27.99
CA LYS B 142 -13.65 49.10 27.64
C LYS B 142 -13.30 47.62 27.57
N THR B 143 -13.04 47.12 26.36
CA THR B 143 -12.92 45.70 26.11
C THR B 143 -11.48 45.30 25.78
N VAL B 144 -11.30 44.05 25.36
CA VAL B 144 -10.00 43.48 25.02
C VAL B 144 -10.08 42.87 23.63
N GLN B 145 -9.08 43.14 22.81
CA GLN B 145 -8.90 42.46 21.54
C GLN B 145 -7.62 41.64 21.58
N ILE B 146 -7.71 40.39 21.13
CA ILE B 146 -6.55 39.51 20.96
C ILE B 146 -6.37 39.31 19.46
N MET B 147 -5.13 39.46 18.99
CA MET B 147 -4.87 39.29 17.56
C MET B 147 -3.56 38.54 17.35
N SER B 148 -3.46 37.92 16.18
CA SER B 148 -2.23 37.26 15.75
C SER B 148 -1.48 38.16 14.79
N ILE B 149 -0.19 38.34 15.05
CA ILE B 149 0.71 39.08 14.19
C ILE B 149 1.31 38.07 13.21
N GLU B 150 0.86 38.12 11.96
CA GLU B 150 1.28 37.15 10.96
C GLU B 150 2.71 37.44 10.52
N PRO B 151 3.62 36.47 10.62
CA PRO B 151 5.02 36.75 10.30
C PRO B 151 5.22 36.90 8.79
N LYS B 152 6.35 37.52 8.44
CA LYS B 152 6.72 37.62 7.04
C LYS B 152 7.03 36.22 6.52
N ARG B 153 6.31 35.81 5.47
CA ARG B 153 6.41 34.44 4.99
C ARG B 153 7.63 34.25 4.11
N GLY B 154 8.40 33.20 4.38
CA GLY B 154 9.52 32.84 3.54
C GLY B 154 9.12 32.69 2.09
N GLN B 155 10.05 32.93 1.18
CA GLN B 155 9.75 32.96 -0.23
C GLN B 155 10.47 31.83 -0.96
N ILE B 156 9.91 31.46 -2.12
CA ILE B 156 10.37 30.32 -2.90
C ILE B 156 11.02 30.83 -4.17
N TYR B 157 12.27 30.43 -4.40
CA TYR B 157 13.07 30.90 -5.53
C TYR B 157 13.58 29.70 -6.32
N ASP B 158 13.81 29.91 -7.62
CA ASP B 158 14.40 28.85 -8.42
C ASP B 158 15.92 28.85 -8.18
N LYS B 159 16.65 28.09 -8.98
CA LYS B 159 18.09 27.95 -8.75
C LYS B 159 18.84 29.26 -8.93
N ASN B 160 18.27 30.22 -9.66
CA ASN B 160 18.96 31.47 -9.96
C ASN B 160 18.33 32.67 -9.26
N GLY B 161 17.44 32.46 -8.31
CA GLY B 161 16.83 33.55 -7.57
C GLY B 161 15.53 34.07 -8.16
N LYS B 162 15.07 33.53 -9.29
CA LYS B 162 13.76 33.92 -9.81
C LYS B 162 12.68 33.57 -8.81
N GLY B 163 11.88 34.57 -8.45
CA GLY B 163 10.78 34.36 -7.52
C GLY B 163 9.74 33.40 -8.04
N LEU B 164 9.36 32.42 -7.24
CA LEU B 164 8.28 31.51 -7.55
C LEU B 164 7.09 31.65 -6.63
N ALA B 165 7.33 32.11 -5.40
CA ALA B 165 6.26 32.42 -4.46
C ALA B 165 6.79 33.56 -3.58
N VAL B 166 6.32 34.78 -3.84
CA VAL B 166 6.92 35.95 -3.24
C VAL B 166 5.88 36.74 -2.46
N ASN B 167 6.33 37.79 -1.78
CA ASN B 167 5.47 38.73 -1.08
C ASN B 167 5.53 40.08 -1.81
N THR B 168 4.37 40.66 -2.09
CA THR B 168 4.34 41.92 -2.82
C THR B 168 3.08 42.69 -2.46
N ASP B 169 3.18 44.01 -2.55
CA ASP B 169 2.02 44.87 -2.31
C ASP B 169 1.13 44.87 -3.54
N VAL B 170 -0.01 44.19 -3.43
CA VAL B 170 -1.05 44.22 -4.45
C VAL B 170 -1.86 45.50 -4.28
N PRO B 171 -1.95 46.34 -5.30
CA PRO B 171 -2.86 47.48 -5.23
C PRO B 171 -4.30 47.02 -5.43
N GLU B 172 -5.20 47.56 -4.64
CA GLU B 172 -6.63 47.32 -4.78
C GLU B 172 -7.30 48.65 -5.02
N ILE B 173 -7.95 48.77 -6.17
CA ILE B 173 -8.59 49.99 -6.62
C ILE B 173 -10.06 49.94 -6.23
N GLY B 174 -10.53 51.00 -5.58
CA GLY B 174 -11.94 51.15 -5.24
C GLY B 174 -12.37 52.59 -5.38
N ILE B 175 -13.60 52.93 -4.98
CA ILE B 175 -14.08 54.30 -5.03
C ILE B 175 -14.69 54.67 -3.70
N VAL B 176 -14.67 55.96 -3.39
CA VAL B 176 -15.33 56.53 -2.22
C VAL B 176 -16.47 57.41 -2.72
N PRO B 177 -17.74 57.00 -2.55
CA PRO B 177 -18.84 57.72 -3.20
C PRO B 177 -19.02 59.15 -2.70
N GLY B 178 -18.46 59.50 -1.55
CA GLY B 178 -18.54 60.89 -1.09
C GLY B 178 -17.85 61.84 -2.05
N GLU B 179 -16.65 61.48 -2.52
CA GLU B 179 -15.94 62.27 -3.52
C GLU B 179 -16.28 61.87 -4.95
N LEU B 180 -17.16 60.89 -5.13
CA LEU B 180 -17.63 60.54 -6.47
C LEU B 180 -18.66 61.52 -7.01
N GLY B 181 -19.23 62.36 -6.14
CA GLY B 181 -20.37 63.21 -6.45
C GLY B 181 -20.36 63.89 -7.81
N ASP B 182 -21.56 64.00 -8.40
CA ASP B 182 -21.81 64.73 -9.65
C ASP B 182 -21.25 64.03 -10.88
N LYS B 183 -20.17 63.25 -10.71
CA LYS B 183 -19.51 62.62 -11.84
C LYS B 183 -19.55 61.10 -11.80
N LYS B 184 -20.55 60.52 -11.13
CA LYS B 184 -20.62 59.07 -11.01
C LYS B 184 -20.65 58.39 -12.38
N GLU B 185 -21.42 58.91 -13.31
CA GLU B 185 -21.57 58.26 -14.61
C GLU B 185 -20.25 58.21 -15.37
N LYS B 186 -19.60 59.37 -15.53
CA LYS B 186 -18.34 59.43 -16.27
C LYS B 186 -17.27 58.57 -15.61
N VAL B 187 -17.16 58.65 -14.28
CA VAL B 187 -16.10 57.93 -13.59
C VAL B 187 -16.34 56.42 -13.69
N ILE B 188 -17.59 55.98 -13.55
CA ILE B 188 -17.87 54.55 -13.70
C ILE B 188 -17.58 54.10 -15.13
N LYS B 189 -17.95 54.89 -16.13
CA LYS B 189 -17.68 54.52 -17.51
C LYS B 189 -16.19 54.34 -17.75
N GLU B 190 -15.39 55.34 -17.37
CA GLU B 190 -13.95 55.26 -17.60
C GLU B 190 -13.32 54.15 -16.79
N LEU B 191 -13.73 53.98 -15.53
CA LEU B 191 -13.13 52.96 -14.67
C LEU B 191 -13.47 51.57 -15.16
N ALA B 192 -14.64 51.39 -15.77
CA ALA B 192 -14.98 50.11 -16.38
C ALA B 192 -14.18 49.88 -17.65
N LYS B 193 -13.96 50.95 -18.44
CA LYS B 193 -13.12 50.82 -19.62
C LYS B 193 -11.66 50.52 -19.26
N LYS B 194 -11.22 50.87 -18.05
CA LYS B 194 -9.84 50.66 -17.65
C LYS B 194 -9.62 49.39 -16.84
N LEU B 195 -10.60 48.95 -16.06
CA LEU B 195 -10.44 47.80 -15.18
C LEU B 195 -10.89 46.48 -15.81
N ASP B 196 -11.18 46.48 -17.12
CA ASP B 196 -11.64 45.29 -17.82
C ASP B 196 -12.87 44.68 -17.13
N LEU B 197 -13.70 45.53 -16.54
CA LEU B 197 -14.94 45.12 -15.91
C LEU B 197 -16.10 45.83 -16.61
N THR B 198 -17.30 45.29 -16.44
CA THR B 198 -18.49 45.87 -17.05
C THR B 198 -19.08 46.93 -16.14
N GLU B 199 -19.72 47.94 -16.75
CA GLU B 199 -20.34 48.99 -15.97
C GLU B 199 -21.41 48.46 -15.02
N ASP B 200 -22.12 47.41 -15.44
CA ASP B 200 -23.10 46.78 -14.56
C ASP B 200 -22.42 46.14 -13.36
N ASP B 201 -21.24 45.55 -13.55
CA ASP B 201 -20.50 44.97 -12.43
C ASP B 201 -20.11 46.05 -11.43
N ILE B 202 -19.61 47.17 -11.91
CA ILE B 202 -19.25 48.28 -11.02
C ILE B 202 -20.49 48.78 -10.27
N LYS B 203 -21.57 49.03 -11.01
CA LYS B 203 -22.80 49.53 -10.38
C LYS B 203 -23.32 48.56 -9.33
N LYS B 204 -23.23 47.25 -9.60
CA LYS B 204 -23.62 46.27 -8.60
C LYS B 204 -22.71 46.33 -7.38
N LYS B 205 -21.42 46.55 -7.59
CA LYS B 205 -20.51 46.72 -6.47
C LYS B 205 -20.92 47.91 -5.60
N LEU B 206 -21.29 49.03 -6.24
CA LEU B 206 -21.77 50.19 -5.49
C LEU B 206 -23.10 49.92 -4.81
N ASP B 207 -23.97 49.12 -5.44
CA ASP B 207 -25.32 48.89 -4.96
C ASP B 207 -25.30 47.74 -3.96
N GLN B 208 -25.22 48.06 -2.67
CA GLN B 208 -25.18 47.04 -1.64
C GLN B 208 -25.57 47.69 -0.31
N GLY B 209 -26.01 46.86 0.63
CA GLY B 209 -26.52 47.39 1.88
C GLY B 209 -25.49 48.20 2.65
N TRP B 210 -24.28 47.64 2.82
CA TRP B 210 -23.30 48.26 3.70
C TRP B 210 -22.68 49.52 3.14
N VAL B 211 -23.02 49.91 1.90
CA VAL B 211 -22.31 51.01 1.25
C VAL B 211 -22.58 52.31 2.01
N LYS B 212 -21.56 53.15 2.12
CA LYS B 212 -21.68 54.46 2.72
C LYS B 212 -20.87 55.45 1.89
N ASP B 213 -21.21 56.73 2.03
CA ASP B 213 -20.49 57.76 1.29
C ASP B 213 -19.11 58.05 1.86
N ASP B 214 -18.80 57.55 3.05
CA ASP B 214 -17.46 57.66 3.62
C ASP B 214 -16.75 56.31 3.69
N SER B 215 -17.29 55.29 3.04
CA SER B 215 -16.70 53.96 3.07
C SER B 215 -15.99 53.64 1.75
N PHE B 216 -14.90 52.90 1.87
CA PHE B 216 -14.15 52.44 0.72
C PHE B 216 -14.81 51.20 0.13
N VAL B 217 -15.23 51.29 -1.12
CA VAL B 217 -15.92 50.19 -1.81
C VAL B 217 -14.93 49.54 -2.78
N PRO B 218 -14.30 48.43 -2.41
CA PRO B 218 -13.31 47.81 -3.29
C PRO B 218 -13.93 47.38 -4.62
N LEU B 219 -13.15 47.53 -5.68
CA LEU B 219 -13.64 47.22 -7.03
C LEU B 219 -12.78 46.19 -7.75
N LYS B 220 -11.45 46.26 -7.63
CA LYS B 220 -10.62 45.30 -8.34
C LYS B 220 -9.21 45.28 -7.75
N LYS B 221 -8.69 44.07 -7.54
CA LYS B 221 -7.27 43.91 -7.22
C LYS B 221 -6.49 43.78 -8.53
N VAL B 222 -5.36 44.49 -8.59
CA VAL B 222 -4.55 44.58 -9.81
C VAL B 222 -3.20 43.95 -9.53
N LYS B 223 -2.69 43.22 -10.52
CA LYS B 223 -1.40 42.56 -10.37
C LYS B 223 -0.29 43.60 -10.17
N PRO B 224 0.68 43.33 -9.30
CA PRO B 224 1.60 44.40 -8.86
C PRO B 224 2.57 44.89 -9.93
N ASP B 225 2.57 44.28 -11.12
CA ASP B 225 3.49 44.71 -12.16
C ASP B 225 2.96 45.91 -12.94
N GLN B 226 1.65 45.98 -13.15
CA GLN B 226 1.04 47.01 -14.00
C GLN B 226 0.59 48.20 -13.15
N GLU B 227 1.57 49.04 -12.80
CA GLU B 227 1.38 50.17 -11.90
C GLU B 227 0.89 51.43 -12.62
N LYS B 228 1.24 51.60 -13.89
CA LYS B 228 0.77 52.76 -14.64
C LYS B 228 -0.73 52.69 -14.88
N LEU B 229 -1.25 51.49 -15.13
CA LEU B 229 -2.70 51.29 -15.16
C LEU B 229 -3.33 51.73 -13.85
N VAL B 230 -2.69 51.40 -12.73
CA VAL B 230 -3.22 51.81 -11.43
C VAL B 230 -3.21 53.33 -11.31
N SER B 231 -2.14 53.98 -11.76
CA SER B 231 -2.07 55.44 -11.66
C SER B 231 -3.16 56.10 -12.50
N GLU B 232 -3.36 55.61 -13.73
CA GLU B 232 -4.43 56.13 -14.57
C GLU B 232 -5.79 55.95 -13.89
N ALA B 233 -6.09 54.73 -13.46
CA ALA B 233 -7.40 54.46 -12.85
C ALA B 233 -7.63 55.31 -11.60
N THR B 234 -6.60 55.43 -10.75
CA THR B 234 -6.75 56.14 -9.49
C THR B 234 -6.71 57.65 -9.64
N SER B 235 -6.30 58.17 -10.80
CA SER B 235 -6.43 59.60 -11.03
C SER B 235 -7.87 60.01 -11.33
N LEU B 236 -8.80 59.07 -11.42
CA LEU B 236 -10.21 59.40 -11.62
C LEU B 236 -10.83 59.96 -10.34
N GLN B 237 -11.93 60.67 -10.51
CA GLN B 237 -12.63 61.32 -9.41
C GLN B 237 -13.18 60.29 -8.43
N GLY B 238 -12.72 60.36 -7.18
CA GLY B 238 -13.18 59.48 -6.13
C GLY B 238 -12.53 58.11 -6.10
N VAL B 239 -11.87 57.69 -7.19
CA VAL B 239 -11.18 56.41 -7.20
C VAL B 239 -9.92 56.53 -6.36
N THR B 240 -9.57 55.45 -5.67
CA THR B 240 -8.38 55.44 -4.82
C THR B 240 -7.83 54.02 -4.73
N ARG B 241 -6.64 53.93 -4.11
CA ARG B 241 -5.84 52.71 -4.08
C ARG B 241 -5.46 52.37 -2.64
N THR B 242 -5.50 51.08 -2.32
CA THR B 242 -4.92 50.58 -1.07
C THR B 242 -3.96 49.43 -1.40
N ASN B 243 -2.72 49.55 -0.92
CA ASN B 243 -1.70 48.53 -1.17
C ASN B 243 -1.71 47.53 -0.02
N VAL B 244 -2.16 46.31 -0.30
CA VAL B 244 -2.20 45.24 0.69
C VAL B 244 -1.14 44.21 0.33
N SER B 245 -0.31 43.85 1.29
CA SER B 245 0.75 42.87 1.02
C SER B 245 0.15 41.48 0.94
N SER B 246 0.63 40.70 -0.03
CA SER B 246 0.00 39.42 -0.35
C SER B 246 1.03 38.50 -0.99
N ARG B 247 0.80 37.20 -0.86
CA ARG B 247 1.57 36.22 -1.61
C ARG B 247 1.23 36.35 -3.09
N TYR B 248 2.23 36.12 -3.93
CA TYR B 248 2.07 36.25 -5.37
C TYR B 248 2.91 35.20 -6.05
N TYR B 249 2.37 34.63 -7.13
CA TYR B 249 3.01 33.55 -7.87
C TYR B 249 3.32 34.05 -9.27
N PRO B 250 4.51 34.59 -9.48
CA PRO B 250 4.81 35.27 -10.76
C PRO B 250 4.71 34.40 -11.99
N TYR B 251 4.60 33.07 -11.85
CA TYR B 251 4.57 32.19 -13.01
C TYR B 251 3.25 31.43 -13.12
N GLY B 252 2.28 31.73 -12.25
CA GLY B 252 0.92 31.24 -12.45
C GLY B 252 0.84 29.74 -12.59
N GLU B 253 0.19 29.29 -13.67
CA GLU B 253 -0.03 27.87 -13.88
C GLU B 253 1.17 27.15 -14.48
N LYS B 254 2.25 27.87 -14.79
CA LYS B 254 3.45 27.20 -15.25
C LYS B 254 4.10 26.42 -14.12
N THR B 255 4.03 26.93 -12.90
CA THR B 255 4.64 26.30 -11.73
C THR B 255 3.60 25.93 -10.67
N ALA B 256 2.32 25.92 -11.06
CA ALA B 256 1.23 25.85 -10.09
C ALA B 256 1.35 24.64 -9.18
N HIS B 257 1.54 23.46 -9.77
CA HIS B 257 1.59 22.25 -8.96
C HIS B 257 2.84 22.23 -8.08
N LEU B 258 3.92 22.84 -8.53
CA LEU B 258 5.13 22.88 -7.72
C LEU B 258 4.96 23.80 -6.51
N THR B 259 4.70 25.08 -6.76
CA THR B 259 4.59 26.05 -5.67
C THR B 259 3.44 25.69 -4.74
N GLY B 260 2.32 25.24 -5.29
CA GLY B 260 1.13 25.08 -4.49
C GLY B 260 0.49 26.42 -4.28
N TYR B 261 -0.10 26.66 -3.11
CA TYR B 261 -0.81 27.91 -2.92
C TYR B 261 -1.28 28.05 -1.48
N VAL B 262 -1.38 29.30 -1.02
CA VAL B 262 -1.89 29.62 0.30
C VAL B 262 -3.26 30.25 0.15
N ARG B 263 -4.01 30.24 1.25
CA ARG B 263 -5.32 30.85 1.33
C ARG B 263 -5.77 30.83 2.79
N ALA B 264 -6.88 31.52 3.06
CA ALA B 264 -7.35 31.70 4.42
C ALA B 264 -7.66 30.36 5.07
N ILE B 265 -7.14 30.16 6.28
CA ILE B 265 -7.45 28.96 7.04
C ILE B 265 -8.91 28.99 7.46
N THR B 266 -9.59 27.85 7.33
CA THR B 266 -10.99 27.78 7.72
C THR B 266 -11.11 27.36 9.18
N ALA B 267 -12.34 27.45 9.69
CA ALA B 267 -12.58 27.11 11.09
C ALA B 267 -12.28 25.64 11.35
N GLU B 268 -12.70 24.76 10.45
CA GLU B 268 -12.39 23.33 10.58
C GLU B 268 -10.88 23.08 10.55
N GLU B 269 -10.18 23.74 9.63
CA GLU B 269 -8.73 23.59 9.56
C GLU B 269 -8.05 24.14 10.80
N LEU B 270 -8.59 25.22 11.38
CA LEU B 270 -7.97 25.80 12.57
C LEU B 270 -8.19 24.92 13.79
N LYS B 271 -9.35 24.28 13.90
CA LYS B 271 -9.71 23.53 15.10
C LYS B 271 -8.72 22.42 15.44
N LYS B 272 -7.82 22.06 14.52
CA LYS B 272 -6.90 20.94 14.73
C LYS B 272 -5.48 21.32 14.31
N LYS B 273 -4.96 22.38 14.92
CA LYS B 273 -3.60 22.83 14.64
C LYS B 273 -2.68 22.65 15.85
N LYS B 274 -2.76 23.58 16.79
CA LYS B 274 -1.84 23.70 17.92
C LYS B 274 -2.15 24.98 18.68
N GLU B 275 -1.96 24.97 20.00
CA GLU B 275 -2.18 26.16 20.81
C GLU B 275 -1.39 27.34 20.26
N GLY B 276 -2.10 28.40 19.91
CA GLY B 276 -1.46 29.53 19.25
C GLY B 276 -1.21 29.21 17.80
N THR B 277 0.01 29.49 17.34
CA THR B 277 0.48 29.12 16.00
C THR B 277 -0.36 29.74 14.89
N TYR B 278 -1.68 29.53 14.92
CA TYR B 278 -2.58 30.04 13.91
C TYR B 278 -3.77 30.76 14.54
N SER B 279 -4.39 31.64 13.76
CA SER B 279 -5.64 32.29 14.12
C SER B 279 -6.57 32.25 12.91
N ASP B 280 -7.79 32.74 13.09
CA ASP B 280 -8.76 32.76 12.00
C ASP B 280 -8.36 33.73 10.89
N THR B 281 -7.44 34.65 11.16
CA THR B 281 -6.94 35.58 10.16
C THR B 281 -5.57 35.17 9.62
N SER B 282 -5.25 33.88 9.66
CA SER B 282 -3.99 33.35 9.18
C SER B 282 -4.16 32.74 7.79
N ASN B 283 -3.09 32.79 7.00
CA ASN B 283 -3.01 32.06 5.76
C ASN B 283 -2.13 30.82 5.94
N ILE B 284 -2.40 29.80 5.13
CA ILE B 284 -1.76 28.51 5.31
C ILE B 284 -1.57 27.84 3.95
N GLY B 285 -0.46 27.14 3.79
CA GLY B 285 -0.17 26.47 2.54
C GLY B 285 -1.03 25.22 2.39
N ILE B 286 -1.83 25.16 1.33
CA ILE B 286 -2.82 24.10 1.18
C ILE B 286 -2.28 23.01 0.28
N ALA B 287 -1.48 23.39 -0.72
CA ALA B 287 -0.88 22.40 -1.62
C ALA B 287 0.47 22.89 -2.09
N GLY B 288 1.23 21.96 -2.67
CA GLY B 288 2.56 22.22 -3.18
C GLY B 288 3.57 22.38 -2.05
N LEU B 289 4.68 23.04 -2.41
CA LEU B 289 5.70 23.33 -1.42
C LEU B 289 5.21 24.33 -0.37
N GLU B 290 4.17 25.11 -0.68
CA GLU B 290 3.54 25.96 0.33
C GLU B 290 3.00 25.11 1.48
N ASN B 291 2.45 23.93 1.17
CA ASN B 291 1.96 23.03 2.21
C ASN B 291 3.10 22.21 2.81
N VAL B 292 3.97 21.67 1.95
CA VAL B 292 5.06 20.81 2.44
C VAL B 292 5.96 21.57 3.42
N TYR B 293 6.32 22.80 3.07
CA TYR B 293 7.21 23.62 3.90
C TYR B 293 6.46 24.70 4.66
N GLU B 294 5.21 24.43 5.05
CA GLU B 294 4.42 25.40 5.80
C GLU B 294 5.15 25.90 7.04
N ASP B 295 5.71 24.99 7.83
CA ASP B 295 6.33 25.41 9.08
C ASP B 295 7.61 26.20 8.84
N LYS B 296 8.38 25.82 7.82
CA LYS B 296 9.56 26.58 7.46
C LYS B 296 9.20 27.96 6.93
N LEU B 297 8.19 28.03 6.06
CA LEU B 297 7.87 29.28 5.39
C LEU B 297 7.09 30.24 6.28
N ARG B 298 6.34 29.73 7.24
CA ARG B 298 5.51 30.60 8.08
C ARG B 298 6.35 31.34 9.11
N GLY B 299 7.22 30.63 9.82
CA GLY B 299 7.88 31.19 10.97
C GLY B 299 6.93 31.24 12.16
N THR B 300 7.46 31.74 13.28
CA THR B 300 6.72 31.75 14.54
C THR B 300 5.74 32.91 14.59
N THR B 301 4.49 32.62 14.93
CA THR B 301 3.44 33.62 14.93
C THR B 301 3.59 34.55 16.14
N GLY B 302 3.21 35.82 15.94
CA GLY B 302 3.15 36.77 17.02
C GLY B 302 1.75 36.91 17.60
N TRP B 303 1.66 37.52 18.78
CA TRP B 303 0.38 37.68 19.45
C TRP B 303 0.35 39.02 20.18
N LYS B 304 -0.85 39.63 20.21
CA LYS B 304 -1.04 40.94 20.82
C LYS B 304 -2.35 40.97 21.61
N ILE B 305 -2.28 41.46 22.84
CA ILE B 305 -3.42 41.70 23.71
C ILE B 305 -3.31 43.15 24.15
N TYR B 306 -4.27 44.00 23.73
CA TYR B 306 -3.96 45.43 23.74
C TYR B 306 -5.07 46.40 24.15
N VAL B 307 -6.34 45.98 24.25
CA VAL B 307 -7.47 46.89 24.51
C VAL B 307 -7.68 47.85 23.34
N PRO B 308 -8.79 47.75 22.61
CA PRO B 308 -8.96 48.55 21.39
C PRO B 308 -9.32 50.00 21.63
N GLN B 309 -10.06 50.29 22.71
CA GLN B 309 -10.46 51.67 22.99
C GLN B 309 -9.26 52.59 23.09
N THR B 310 -8.18 52.14 23.73
CA THR B 310 -6.96 52.92 23.80
C THR B 310 -5.82 52.16 23.13
N GLY B 311 -5.06 51.40 23.91
CA GLY B 311 -3.99 50.60 23.35
C GLY B 311 -2.84 50.41 24.31
N GLU B 312 -3.14 50.20 25.61
CA GLU B 312 -2.08 50.01 26.59
C GLU B 312 -1.19 48.81 26.27
N VAL B 313 -1.67 47.87 25.46
CA VAL B 313 -0.98 46.62 25.16
C VAL B 313 -0.76 45.84 26.45
N ILE B 314 -1.69 44.92 26.74
CA ILE B 314 -1.54 44.07 27.92
C ILE B 314 -0.32 43.16 27.75
N ALA B 315 -0.24 42.47 26.62
CA ALA B 315 0.89 41.59 26.38
C ALA B 315 1.18 41.56 24.88
N GLU B 316 2.42 41.22 24.54
CA GLU B 316 2.78 41.07 23.14
C GLU B 316 3.99 40.17 23.02
N LYS B 317 3.87 39.16 22.16
CA LYS B 317 4.97 38.28 21.79
C LYS B 317 5.19 38.49 20.29
N LYS B 318 6.26 39.19 19.93
CA LYS B 318 6.43 39.57 18.53
C LYS B 318 6.74 38.34 17.68
N ALA B 319 6.42 38.46 16.39
CA ALA B 319 6.54 37.34 15.47
C ALA B 319 7.97 37.18 15.00
N LYS B 320 8.28 35.96 14.54
CA LYS B 320 9.57 35.62 13.97
C LYS B 320 9.36 35.17 12.53
N ASP B 321 10.16 35.72 11.62
CA ASP B 321 9.87 35.59 10.19
C ASP B 321 10.26 34.23 9.65
N GLY B 322 9.47 33.75 8.69
CA GLY B 322 9.78 32.50 8.04
C GLY B 322 11.06 32.56 7.23
N GLU B 323 11.59 31.38 6.95
CA GLU B 323 12.85 31.23 6.24
C GLU B 323 12.59 31.00 4.76
N ASP B 324 13.58 31.36 3.94
CA ASP B 324 13.43 31.22 2.50
C ASP B 324 13.75 29.80 2.05
N LEU B 325 13.18 29.42 0.92
CA LEU B 325 13.32 28.09 0.35
C LEU B 325 13.87 28.24 -1.06
N HIS B 326 15.07 27.72 -1.30
CA HIS B 326 15.70 27.80 -2.61
C HIS B 326 15.62 26.44 -3.31
N LEU B 327 15.13 26.46 -4.54
CA LEU B 327 14.82 25.25 -5.30
C LEU B 327 15.87 24.98 -6.37
N THR B 328 16.02 23.70 -6.70
CA THR B 328 16.88 23.29 -7.82
C THR B 328 16.28 23.63 -9.17
N ILE B 329 15.05 24.15 -9.21
CA ILE B 329 14.34 24.38 -10.46
C ILE B 329 15.04 25.45 -11.29
N ASP B 330 15.06 25.25 -12.60
CA ASP B 330 15.44 26.27 -13.58
C ASP B 330 14.17 26.69 -14.32
N ILE B 331 13.70 27.90 -14.04
CA ILE B 331 12.41 28.36 -14.56
C ILE B 331 12.32 28.25 -16.07
N LYS B 332 13.45 28.33 -16.77
CA LYS B 332 13.44 28.23 -18.23
C LYS B 332 13.04 26.82 -18.68
N THR B 333 13.66 25.79 -18.08
CA THR B 333 13.30 24.41 -18.40
C THR B 333 11.84 24.16 -18.06
N GLN B 334 11.41 24.66 -16.90
CA GLN B 334 10.01 24.56 -16.47
C GLN B 334 9.08 25.10 -17.54
N MET B 335 9.34 26.32 -18.02
CA MET B 335 8.43 26.93 -18.98
C MET B 335 8.48 26.24 -20.34
N LYS B 336 9.65 25.73 -20.74
CA LYS B 336 9.71 24.93 -21.97
C LYS B 336 8.78 23.72 -21.87
N LEU B 337 8.93 22.93 -20.80
CA LEU B 337 8.08 21.74 -20.64
C LEU B 337 6.60 22.13 -20.57
N TYR B 338 6.28 23.16 -19.79
CA TYR B 338 4.89 23.61 -19.71
C TYR B 338 4.34 23.94 -21.10
N ASP B 339 5.04 24.80 -21.84
CA ASP B 339 4.63 25.14 -23.19
C ASP B 339 4.39 23.90 -24.03
N GLU B 340 5.15 22.83 -23.78
CA GLU B 340 4.87 21.60 -24.51
C GLU B 340 3.63 20.87 -24.00
N LEU B 341 3.26 21.02 -22.73
CA LEU B 341 2.16 20.23 -22.16
C LEU B 341 0.91 21.03 -21.81
N LYS B 342 0.90 22.35 -22.01
CA LYS B 342 -0.18 23.19 -21.48
C LYS B 342 -1.57 22.70 -21.89
N ASP B 343 -1.69 22.12 -23.08
CA ASP B 343 -2.99 21.78 -23.65
C ASP B 343 -3.42 20.35 -23.39
N ASP B 344 -2.51 19.50 -22.94
CA ASP B 344 -2.78 18.08 -22.78
C ASP B 344 -3.05 17.75 -21.32
N SER B 345 -3.10 16.47 -21.00
CA SER B 345 -3.22 15.99 -19.64
C SER B 345 -2.08 15.01 -19.40
N GLY B 346 -1.26 15.28 -18.39
CA GLY B 346 -0.12 14.43 -18.10
C GLY B 346 0.88 15.16 -17.22
N ALA B 347 2.12 14.68 -17.27
CA ALA B 347 3.17 15.22 -16.42
C ALA B 347 4.52 15.08 -17.09
N ALA B 348 5.51 15.81 -16.57
CA ALA B 348 6.86 15.79 -17.08
C ALA B 348 7.84 16.14 -15.97
N VAL B 349 8.92 15.36 -15.89
CA VAL B 349 9.98 15.55 -14.91
C VAL B 349 11.28 15.76 -15.67
N ALA B 350 12.03 16.79 -15.30
CA ALA B 350 13.33 17.08 -15.89
C ALA B 350 14.36 17.12 -14.77
N LEU B 351 15.32 16.21 -14.83
CA LEU B 351 16.35 16.03 -13.81
C LEU B 351 17.74 16.24 -14.38
N GLN B 352 18.64 16.72 -13.54
CA GLN B 352 20.08 16.64 -13.75
C GLN B 352 20.57 15.27 -13.30
N PRO B 353 20.83 14.35 -14.23
CA PRO B 353 21.05 12.95 -13.84
C PRO B 353 22.31 12.71 -13.03
N LYS B 354 23.33 13.55 -13.20
CA LYS B 354 24.57 13.34 -12.45
C LYS B 354 24.40 13.65 -10.98
N THR B 355 23.60 14.68 -10.65
CA THR B 355 23.44 15.10 -9.27
C THR B 355 22.03 14.99 -8.73
N GLY B 356 21.05 14.64 -9.55
CA GLY B 356 19.70 14.43 -9.06
C GLY B 356 18.92 15.69 -8.77
N GLU B 357 19.46 16.86 -9.11
CA GLU B 357 18.70 18.10 -9.01
C GLU B 357 17.51 18.06 -9.97
N THR B 358 16.39 18.58 -9.51
CA THR B 358 15.17 18.62 -10.31
C THR B 358 15.16 19.94 -11.06
N LEU B 359 15.25 19.87 -12.39
CA LEU B 359 15.18 21.09 -13.18
C LEU B 359 13.74 21.51 -13.45
N ALA B 360 12.80 20.57 -13.56
CA ALA B 360 11.44 20.94 -13.85
C ALA B 360 10.46 19.86 -13.38
N LEU B 361 9.38 20.30 -12.72
CA LEU B 361 8.24 19.45 -12.36
C LEU B 361 6.98 20.08 -12.96
N VAL B 362 6.41 19.41 -13.96
CA VAL B 362 5.25 19.96 -14.68
C VAL B 362 4.11 18.96 -14.61
N SER B 363 2.89 19.47 -14.41
CA SER B 363 1.68 18.66 -14.45
C SER B 363 0.62 19.42 -15.23
N ALA B 364 -0.18 18.69 -16.00
CA ALA B 364 -1.22 19.28 -16.86
C ALA B 364 -2.51 18.48 -16.75
N PRO B 365 -3.68 19.15 -16.70
CA PRO B 365 -3.97 20.59 -16.72
C PRO B 365 -3.48 21.32 -15.48
N SER B 366 -3.63 22.64 -15.45
CA SER B 366 -3.11 23.42 -14.34
C SER B 366 -4.12 24.46 -13.87
N TYR B 367 -3.64 25.55 -13.26
CA TYR B 367 -4.49 26.58 -12.67
C TYR B 367 -3.60 27.71 -12.18
N ASP B 368 -4.19 28.90 -12.06
CA ASP B 368 -3.45 30.05 -11.57
C ASP B 368 -3.62 30.14 -10.06
N PRO B 369 -2.61 29.81 -9.26
CA PRO B 369 -2.78 29.92 -7.79
C PRO B 369 -3.05 31.33 -7.33
N ASN B 370 -2.54 32.32 -8.07
CA ASN B 370 -2.90 33.72 -7.82
C ASN B 370 -4.40 33.93 -7.84
N GLY B 371 -5.15 33.02 -8.47
CA GLY B 371 -6.59 33.03 -8.43
C GLY B 371 -7.17 33.14 -7.03
N PHE B 372 -6.39 32.78 -6.00
CA PHE B 372 -6.96 32.94 -4.66
C PHE B 372 -6.74 34.35 -4.11
N ILE B 373 -5.51 34.87 -4.19
CA ILE B 373 -5.27 36.22 -3.69
C ILE B 373 -6.02 37.25 -4.52
N PHE B 374 -6.40 36.91 -5.76
CA PHE B 374 -7.09 37.83 -6.64
C PHE B 374 -8.55 37.39 -6.71
N GLY B 375 -8.95 36.59 -7.70
CA GLY B 375 -10.31 36.12 -7.74
C GLY B 375 -10.60 35.13 -8.84
N TRP B 376 -11.53 34.22 -8.59
CA TRP B 376 -12.08 33.34 -9.60
C TRP B 376 -13.49 33.83 -9.94
N SER B 377 -13.83 33.80 -11.22
CA SER B 377 -15.22 33.99 -11.59
C SER B 377 -16.05 32.79 -11.15
N ASP B 378 -17.37 32.94 -11.20
CA ASP B 378 -18.23 31.78 -10.99
C ASP B 378 -17.97 30.73 -12.06
N LYS B 379 -17.87 31.17 -13.32
CA LYS B 379 -17.72 30.25 -14.44
C LYS B 379 -16.37 29.54 -14.40
N GLU B 380 -15.28 30.28 -14.16
CA GLU B 380 -13.96 29.67 -14.16
C GLU B 380 -13.77 28.71 -12.99
N TRP B 381 -14.28 29.09 -11.81
CA TRP B 381 -14.22 28.20 -10.65
C TRP B 381 -15.01 26.92 -10.91
N LYS B 382 -16.22 27.07 -11.47
CA LYS B 382 -17.02 25.90 -11.79
C LYS B 382 -16.34 25.02 -12.84
N LYS B 383 -15.66 25.64 -13.81
CA LYS B 383 -14.97 24.87 -14.83
C LYS B 383 -13.79 24.10 -14.25
N LEU B 384 -13.01 24.74 -13.37
CA LEU B 384 -11.90 24.04 -12.74
C LEU B 384 -12.37 22.88 -11.88
N ASN B 385 -13.45 23.09 -11.11
CA ASN B 385 -13.89 22.03 -10.22
C ASN B 385 -14.67 20.93 -10.93
N LYS B 386 -15.28 21.23 -12.08
CA LYS B 386 -15.99 20.23 -12.86
C LYS B 386 -15.07 19.47 -13.82
N ASP B 387 -13.82 19.89 -13.95
CA ASP B 387 -12.89 19.25 -14.87
C ASP B 387 -12.56 17.85 -14.38
N LYS B 388 -12.66 16.87 -15.30
CA LYS B 388 -12.40 15.48 -14.94
C LYS B 388 -10.91 15.16 -14.86
N ASN B 389 -10.06 15.97 -15.47
CA ASN B 389 -8.62 15.76 -15.44
C ASN B 389 -7.95 16.39 -14.24
N ASN B 390 -8.73 16.90 -13.29
CA ASN B 390 -8.28 17.32 -11.96
C ASN B 390 -7.14 18.32 -12.05
N PRO B 391 -7.41 19.57 -12.42
CA PRO B 391 -6.33 20.55 -12.54
C PRO B 391 -5.59 20.81 -11.24
N PHE B 392 -6.29 20.80 -10.10
CA PHE B 392 -5.64 21.09 -8.83
C PHE B 392 -4.69 20.00 -8.37
N SER B 393 -4.73 18.81 -8.98
CA SER B 393 -3.93 17.68 -8.55
C SER B 393 -2.69 17.54 -9.44
N ALA B 394 -1.54 17.29 -8.79
CA ALA B 394 -0.30 17.06 -9.51
C ALA B 394 -0.26 15.61 -9.99
N LYS B 395 0.26 15.42 -11.21
CA LYS B 395 0.32 14.08 -11.80
C LYS B 395 1.71 13.46 -11.79
N PHE B 396 2.77 14.25 -11.57
CA PHE B 396 4.12 13.70 -11.51
C PHE B 396 4.38 12.92 -10.23
N ASN B 397 3.51 13.01 -9.22
CA ASN B 397 3.66 12.24 -8.00
C ASN B 397 2.68 11.07 -7.89
N LYS B 398 1.83 10.86 -8.90
CA LYS B 398 0.97 9.69 -8.97
C LYS B 398 1.63 8.59 -9.80
N THR B 399 1.19 7.36 -9.57
CA THR B 399 1.74 6.19 -10.25
C THR B 399 0.82 5.76 -11.39
N TYR B 400 1.38 5.55 -12.58
CA TYR B 400 0.60 5.01 -13.68
C TYR B 400 1.36 3.83 -14.28
N ALA B 401 0.71 3.16 -15.23
CA ALA B 401 1.31 1.97 -15.85
C ALA B 401 2.47 2.39 -16.74
N PRO B 402 3.68 1.87 -16.50
CA PRO B 402 4.85 2.34 -17.25
C PRO B 402 4.99 1.78 -18.66
N GLY B 403 4.25 0.73 -19.01
CA GLY B 403 4.37 0.18 -20.34
C GLY B 403 5.78 -0.35 -20.58
N SER B 404 6.26 -0.16 -21.82
CA SER B 404 7.53 -0.72 -22.24
C SER B 404 8.75 -0.02 -21.62
N THR B 405 8.56 1.13 -20.97
CA THR B 405 9.70 1.83 -20.39
C THR B 405 10.40 1.04 -19.30
N ILE B 406 9.78 -0.04 -18.80
CA ILE B 406 10.43 -0.92 -17.84
C ILE B 406 11.49 -1.81 -18.46
N LYS B 407 11.56 -1.86 -19.80
CA LYS B 407 12.45 -2.81 -20.48
C LYS B 407 13.91 -2.65 -20.10
N PRO B 408 14.54 -1.47 -20.28
CA PRO B 408 15.97 -1.38 -19.95
C PRO B 408 16.25 -1.63 -18.47
N ILE B 409 15.40 -1.10 -17.59
CA ILE B 409 15.50 -1.39 -16.16
C ILE B 409 15.60 -2.89 -15.92
N ALA B 410 14.60 -3.63 -16.41
CA ALA B 410 14.64 -5.09 -16.33
C ALA B 410 15.95 -5.64 -16.90
N ALA B 411 16.36 -5.13 -18.07
CA ALA B 411 17.61 -5.58 -18.68
C ALA B 411 18.77 -5.42 -17.71
N ALA B 412 18.84 -4.28 -17.02
CA ALA B 412 19.89 -4.09 -16.00
C ALA B 412 19.89 -5.24 -15.02
N ILE B 413 18.71 -5.53 -14.44
CA ILE B 413 18.60 -6.59 -13.45
C ILE B 413 19.03 -7.92 -14.04
N GLY B 414 18.80 -8.12 -15.33
CA GLY B 414 19.28 -9.33 -15.97
C GLY B 414 20.79 -9.37 -16.07
N ILE B 415 21.39 -8.27 -16.54
CA ILE B 415 22.83 -8.25 -16.77
C ILE B 415 23.57 -8.41 -15.46
N LYS B 416 23.03 -7.87 -14.37
CA LYS B 416 23.66 -8.02 -13.07
C LYS B 416 23.37 -9.38 -12.44
N ASN B 417 22.40 -10.13 -12.97
CA ASN B 417 22.12 -11.48 -12.52
C ASN B 417 22.95 -12.55 -13.24
N GLY B 418 23.40 -12.26 -14.46
CA GLY B 418 24.12 -13.24 -15.24
C GLY B 418 23.26 -14.08 -16.16
N THR B 419 21.93 -13.98 -16.04
CA THR B 419 21.02 -14.70 -16.92
C THR B 419 20.66 -13.91 -18.17
N LEU B 420 21.30 -12.75 -18.39
CA LEU B 420 21.18 -12.02 -19.64
C LEU B 420 22.55 -11.47 -20.01
N LYS B 421 22.98 -11.75 -21.23
CA LYS B 421 24.22 -11.20 -21.77
C LYS B 421 23.87 -10.35 -22.98
N ALA B 422 24.30 -9.09 -22.96
CA ALA B 422 23.80 -8.11 -23.93
C ALA B 422 24.18 -8.47 -25.36
N ASP B 423 25.40 -8.97 -25.57
CA ASP B 423 25.85 -9.29 -26.91
C ASP B 423 25.26 -10.58 -27.47
N GLU B 424 24.80 -11.48 -26.60
CA GLU B 424 24.22 -12.73 -27.05
C GLU B 424 22.90 -12.49 -27.77
N LYS B 425 22.55 -13.41 -28.65
CA LYS B 425 21.32 -13.32 -29.44
C LYS B 425 20.40 -14.47 -29.10
N LYS B 426 19.21 -14.14 -28.59
CA LYS B 426 18.18 -15.13 -28.38
C LYS B 426 17.53 -15.49 -29.71
N THR B 427 17.14 -16.75 -29.85
CA THR B 427 16.45 -17.22 -31.04
C THR B 427 14.95 -17.03 -30.84
N ILE B 428 14.33 -16.18 -31.67
CA ILE B 428 12.92 -15.85 -31.55
C ILE B 428 12.33 -15.89 -32.96
N LYS B 429 11.43 -16.83 -33.21
CA LYS B 429 10.88 -17.07 -34.54
C LYS B 429 9.38 -16.83 -34.50
N GLY B 430 8.89 -15.95 -35.38
CA GLY B 430 7.49 -15.63 -35.43
C GLY B 430 7.13 -14.41 -34.61
N LYS B 431 5.85 -14.08 -34.61
CA LYS B 431 5.36 -12.94 -33.84
C LYS B 431 4.92 -13.32 -32.43
N GLU B 432 4.74 -14.60 -32.14
CA GLU B 432 4.18 -15.04 -30.87
C GLU B 432 5.08 -16.06 -30.20
N TRP B 433 4.92 -16.20 -28.89
CA TRP B 433 5.72 -17.11 -28.09
C TRP B 433 5.02 -17.35 -26.77
N GLN B 434 5.12 -18.58 -26.27
CA GLN B 434 4.61 -18.94 -24.95
C GLN B 434 5.56 -19.96 -24.31
N LYS B 435 5.63 -19.94 -22.98
CA LYS B 435 6.55 -20.83 -22.29
C LYS B 435 6.19 -22.29 -22.50
N ASP B 436 4.90 -22.61 -22.44
CA ASP B 436 4.42 -23.97 -22.61
C ASP B 436 2.91 -23.92 -22.86
N SER B 437 2.29 -25.11 -22.96
CA SER B 437 0.88 -25.19 -23.30
C SER B 437 -0.03 -24.72 -22.17
N SER B 438 0.48 -24.67 -20.93
CA SER B 438 -0.35 -24.20 -19.83
C SER B 438 -0.81 -22.76 -20.03
N TRP B 439 -0.11 -21.99 -20.87
CA TRP B 439 -0.62 -20.65 -21.20
C TRP B 439 -1.80 -20.71 -22.15
N GLY B 440 -2.06 -21.86 -22.76
CA GLY B 440 -3.24 -22.01 -23.61
C GLY B 440 -3.23 -21.02 -24.76
N GLY B 441 -4.28 -20.18 -24.81
CA GLY B 441 -4.43 -19.23 -25.88
C GLY B 441 -3.63 -17.95 -25.75
N TYR B 442 -3.01 -17.71 -24.61
CA TYR B 442 -2.21 -16.51 -24.42
C TYR B 442 -0.78 -16.72 -24.92
N SER B 443 -0.24 -15.69 -25.57
CA SER B 443 1.13 -15.70 -26.07
C SER B 443 1.64 -14.28 -26.09
N VAL B 444 2.93 -14.11 -25.80
CA VAL B 444 3.55 -12.80 -25.91
C VAL B 444 3.74 -12.45 -27.38
N THR B 445 3.25 -11.28 -27.77
CA THR B 445 3.25 -10.83 -29.16
C THR B 445 4.28 -9.73 -29.37
N ARG B 446 5.11 -9.88 -30.40
CA ARG B 446 6.00 -8.82 -30.84
C ARG B 446 5.51 -8.25 -32.16
N VAL B 447 5.79 -6.97 -32.38
CA VAL B 447 5.20 -6.27 -33.52
C VAL B 447 5.80 -6.72 -34.84
N SER B 448 7.07 -7.15 -34.83
CA SER B 448 7.77 -7.52 -36.06
C SER B 448 8.51 -8.83 -35.87
N GLU B 449 8.50 -9.67 -36.90
CA GLU B 449 9.16 -10.97 -36.85
C GLU B 449 10.44 -11.04 -37.67
N ARG B 450 10.81 -9.96 -38.36
CA ARG B 450 12.14 -9.89 -38.94
C ARG B 450 13.19 -9.91 -37.82
N LEU B 451 14.43 -10.23 -38.20
CA LEU B 451 15.51 -10.42 -37.25
C LEU B 451 15.16 -11.52 -36.25
N GLN B 452 15.54 -12.75 -36.58
CA GLN B 452 15.22 -13.90 -35.74
C GLN B 452 16.31 -14.20 -34.71
N GLN B 453 17.43 -13.50 -34.76
CA GLN B 453 18.49 -13.58 -33.75
C GLN B 453 18.60 -12.20 -33.12
N VAL B 454 18.12 -12.06 -31.88
CA VAL B 454 17.89 -10.76 -31.26
C VAL B 454 18.80 -10.61 -30.05
N ASP B 455 19.57 -9.53 -30.02
CA ASP B 455 20.38 -9.15 -28.86
C ASP B 455 19.75 -7.95 -28.17
N LEU B 456 20.36 -7.52 -27.06
CA LEU B 456 19.80 -6.45 -26.25
C LEU B 456 19.60 -5.17 -27.06
N GLU B 457 20.61 -4.77 -27.84
CA GLU B 457 20.49 -3.57 -28.66
C GLU B 457 19.28 -3.66 -29.58
N ASN B 458 19.23 -4.69 -30.41
CA ASN B 458 18.15 -4.84 -31.37
C ASN B 458 16.82 -5.10 -30.68
N ALA B 459 16.84 -5.76 -29.52
CA ALA B 459 15.60 -5.97 -28.77
C ALA B 459 15.01 -4.65 -28.31
N LEU B 460 15.85 -3.75 -27.78
CA LEU B 460 15.38 -2.43 -27.39
C LEU B 460 14.94 -1.62 -28.59
N ILE B 461 15.69 -1.69 -29.70
CA ILE B 461 15.34 -0.91 -30.88
C ILE B 461 14.01 -1.38 -31.45
N THR B 462 13.87 -2.68 -31.71
CA THR B 462 12.67 -3.20 -32.34
C THR B 462 11.50 -3.33 -31.37
N SER B 463 11.73 -3.13 -30.07
CA SER B 463 10.71 -3.32 -29.03
C SER B 463 10.17 -4.75 -29.09
N ASP B 464 11.07 -5.68 -28.78
CA ASP B 464 10.81 -7.12 -28.84
C ASP B 464 10.27 -7.57 -27.50
N ASN B 465 8.94 -7.75 -27.42
CA ASN B 465 8.32 -8.12 -26.16
C ASN B 465 8.74 -9.52 -25.72
N ILE B 466 8.93 -10.43 -26.69
CA ILE B 466 9.27 -11.81 -26.37
C ILE B 466 10.67 -11.89 -25.74
N TYR B 467 11.60 -11.07 -26.23
CA TYR B 467 12.94 -11.01 -25.65
C TYR B 467 12.88 -10.74 -24.15
N PHE B 468 12.13 -9.71 -23.76
CA PHE B 468 12.12 -9.31 -22.35
C PHE B 468 11.22 -10.23 -21.51
N ALA B 469 10.17 -10.81 -22.11
CA ALA B 469 9.44 -11.87 -21.44
C ALA B 469 10.37 -13.01 -21.07
N GLN B 470 11.21 -13.43 -22.01
CA GLN B 470 12.18 -14.48 -21.72
C GLN B 470 13.24 -14.02 -20.74
N ASN B 471 13.63 -12.74 -20.77
CA ASN B 471 14.52 -12.20 -19.75
C ASN B 471 13.95 -12.42 -18.36
N ALA B 472 12.71 -11.97 -18.15
CA ALA B 472 12.08 -12.10 -16.84
C ALA B 472 11.93 -13.57 -16.43
N LEU B 473 11.55 -14.44 -17.37
CA LEU B 473 11.37 -15.85 -17.03
C LEU B 473 12.69 -16.52 -16.72
N ASP B 474 13.76 -16.18 -17.46
CA ASP B 474 15.08 -16.74 -17.20
C ASP B 474 15.63 -16.25 -15.87
N MET B 475 15.21 -15.05 -15.47
CA MET B 475 15.66 -14.44 -14.22
C MET B 475 15.04 -15.16 -13.03
N GLY B 476 13.73 -15.01 -12.84
CA GLY B 476 13.06 -15.60 -11.71
C GLY B 476 12.29 -14.58 -10.89
N ALA B 477 11.26 -15.02 -10.17
CA ALA B 477 10.40 -14.09 -9.45
C ALA B 477 11.18 -13.36 -8.35
N ASP B 478 11.85 -14.11 -7.48
CA ASP B 478 12.53 -13.49 -6.34
C ASP B 478 13.63 -12.54 -6.78
N THR B 479 14.47 -12.98 -7.73
CA THR B 479 15.58 -12.16 -8.17
C THR B 479 15.13 -10.92 -8.96
N PHE B 480 14.06 -11.05 -9.74
CA PHE B 480 13.53 -9.88 -10.44
C PHE B 480 12.90 -8.88 -9.47
N THR B 481 12.21 -9.38 -8.45
CA THR B 481 11.67 -8.48 -7.43
C THR B 481 12.78 -7.79 -6.64
N LYS B 482 13.85 -8.52 -6.31
CA LYS B 482 14.98 -7.90 -5.61
C LYS B 482 15.64 -6.83 -6.47
N GLY B 483 15.92 -7.16 -7.73
CA GLY B 483 16.50 -6.17 -8.63
C GLY B 483 15.64 -4.93 -8.74
N LEU B 484 14.33 -5.12 -8.93
CA LEU B 484 13.43 -3.98 -9.02
C LEU B 484 13.48 -3.14 -7.75
N LYS B 485 13.58 -3.79 -6.59
CA LYS B 485 13.70 -3.03 -5.35
C LYS B 485 15.01 -2.26 -5.28
N THR B 486 16.06 -2.71 -5.99
CA THR B 486 17.26 -1.88 -6.04
C THR B 486 17.04 -0.63 -6.88
N PHE B 487 16.15 -0.66 -7.87
CA PHE B 487 15.80 0.59 -8.53
C PHE B 487 14.75 1.38 -7.77
N GLY B 488 14.51 1.03 -6.51
CA GLY B 488 13.66 1.85 -5.68
C GLY B 488 12.17 1.60 -5.79
N PHE B 489 11.74 0.42 -6.22
CA PHE B 489 10.32 0.13 -6.14
C PHE B 489 9.97 -0.31 -4.73
N SER B 490 8.71 -0.06 -4.35
CA SER B 490 8.10 -0.60 -3.14
C SER B 490 8.77 -0.06 -1.87
N GLU B 491 9.18 1.21 -1.91
CA GLU B 491 9.70 1.88 -0.73
C GLU B 491 9.41 3.37 -0.83
N ASP B 492 9.57 4.07 0.29
CA ASP B 492 9.48 5.53 0.30
C ASP B 492 10.40 6.12 -0.76
N VAL B 493 9.85 7.04 -1.56
CA VAL B 493 10.67 7.76 -2.54
C VAL B 493 11.34 8.92 -1.80
N PRO B 494 12.66 8.89 -1.65
CA PRO B 494 13.33 9.97 -0.91
C PRO B 494 13.35 11.28 -1.69
N TYR B 495 12.39 12.14 -1.43
CA TYR B 495 12.20 13.32 -2.28
C TYR B 495 11.34 14.33 -1.53
N GLU B 496 11.76 15.60 -1.56
CA GLU B 496 11.09 16.64 -0.78
C GLU B 496 9.63 16.83 -1.17
N PHE B 497 9.26 16.47 -2.38
CA PHE B 497 7.85 16.54 -2.73
C PHE B 497 7.24 15.15 -2.56
N PRO B 498 6.14 15.01 -1.83
CA PRO B 498 5.59 13.67 -1.56
C PRO B 498 5.27 12.91 -2.83
N ILE B 499 5.85 11.71 -2.95
CA ILE B 499 5.69 10.85 -4.11
C ILE B 499 5.07 9.54 -3.66
N GLN B 500 4.02 9.10 -4.35
CA GLN B 500 3.42 7.80 -4.08
C GLN B 500 4.38 6.68 -4.45
N LYS B 501 4.46 5.66 -3.61
CA LYS B 501 5.35 4.52 -3.84
C LYS B 501 5.02 3.83 -5.15
N SER B 502 6.06 3.29 -5.78
CA SER B 502 5.89 2.47 -6.98
C SER B 502 5.69 1.01 -6.57
N SER B 503 4.82 0.31 -7.29
CA SER B 503 4.48 -1.07 -6.98
C SER B 503 4.88 -1.98 -8.13
N ILE B 504 5.37 -3.17 -7.77
CA ILE B 504 5.79 -4.14 -8.77
C ILE B 504 4.58 -4.89 -9.34
N ALA B 505 3.68 -5.34 -8.46
CA ALA B 505 2.45 -5.99 -8.87
C ALA B 505 1.44 -5.82 -7.75
N ASN B 506 0.16 -6.04 -8.10
CA ASN B 506 -0.89 -5.95 -7.08
C ASN B 506 -0.63 -6.92 -5.94
N ASP B 507 -0.04 -8.08 -6.23
CA ASP B 507 0.38 -8.99 -5.18
C ASP B 507 1.82 -9.44 -5.42
N LYS B 508 2.01 -10.60 -6.05
CA LYS B 508 3.34 -11.15 -6.25
C LYS B 508 3.50 -11.66 -7.67
N LEU B 509 4.75 -11.92 -8.03
CA LEU B 509 5.09 -12.48 -9.35
C LEU B 509 5.10 -14.00 -9.30
N ASP B 510 3.96 -14.53 -8.85
CA ASP B 510 3.83 -15.96 -8.58
C ASP B 510 3.73 -16.77 -9.87
N SER B 511 2.92 -16.30 -10.83
CA SER B 511 2.62 -17.04 -12.04
C SER B 511 3.54 -16.61 -13.18
N ASP B 512 3.91 -17.58 -14.03
CA ASP B 512 4.83 -17.29 -15.13
C ASP B 512 4.28 -16.21 -16.05
N ILE B 513 2.96 -16.19 -16.26
CA ILE B 513 2.38 -15.21 -17.17
C ILE B 513 2.56 -13.79 -16.63
N LEU B 514 2.33 -13.60 -15.33
CA LEU B 514 2.47 -12.28 -14.75
C LEU B 514 3.94 -11.84 -14.70
N LEU B 515 4.85 -12.77 -14.38
CA LEU B 515 6.27 -12.47 -14.42
C LEU B 515 6.69 -12.05 -15.83
N ALA B 516 6.27 -12.81 -16.83
CA ALA B 516 6.63 -12.50 -18.22
C ALA B 516 6.05 -11.16 -18.64
N ASP B 517 4.80 -10.87 -18.28
CA ASP B 517 4.19 -9.62 -18.70
C ASP B 517 4.81 -8.42 -17.99
N THR B 518 5.17 -8.59 -16.71
CA THR B 518 5.89 -7.53 -16.00
C THR B 518 7.26 -7.30 -16.60
N GLY B 519 7.86 -8.35 -17.17
CA GLY B 519 9.17 -8.21 -17.80
C GLY B 519 9.20 -7.22 -18.95
N TYR B 520 8.06 -7.01 -19.62
CA TYR B 520 8.02 -6.05 -20.72
C TYR B 520 6.89 -5.02 -20.60
N GLY B 521 6.22 -4.95 -19.45
CA GLY B 521 5.40 -3.80 -19.12
C GLY B 521 3.90 -3.94 -19.27
N GLN B 522 3.38 -5.15 -19.44
CA GLN B 522 1.93 -5.31 -19.48
C GLN B 522 1.45 -6.16 -18.31
N GLY B 523 1.80 -5.76 -17.10
CA GLY B 523 1.35 -6.44 -15.91
C GLY B 523 0.58 -5.51 -14.98
N GLN B 524 0.98 -5.50 -13.70
CA GLN B 524 0.28 -4.75 -12.66
C GLN B 524 1.15 -3.64 -12.07
N MET B 525 2.29 -3.35 -12.70
CA MET B 525 3.25 -2.39 -12.18
C MET B 525 2.75 -0.96 -12.37
N GLN B 526 3.04 -0.10 -11.40
CA GLN B 526 2.78 1.33 -11.54
C GLN B 526 3.94 2.14 -10.98
N MET B 527 4.30 3.19 -11.71
CA MET B 527 5.43 4.07 -11.39
C MET B 527 4.99 5.52 -11.49
N SER B 528 5.63 6.37 -10.72
CA SER B 528 5.42 7.79 -10.93
C SER B 528 6.40 8.33 -11.95
N PRO B 529 6.04 9.42 -12.65
CA PRO B 529 7.01 10.06 -13.55
C PRO B 529 8.30 10.44 -12.85
N LEU B 530 8.21 10.98 -11.64
CA LEU B 530 9.40 11.29 -10.85
C LEU B 530 10.27 10.04 -10.69
N HIS B 531 9.67 8.92 -10.34
CA HIS B 531 10.44 7.70 -10.10
C HIS B 531 11.05 7.16 -11.38
N LEU B 532 10.29 7.18 -12.49
CA LEU B 532 10.83 6.65 -13.74
C LEU B 532 12.00 7.49 -14.23
N ALA B 533 11.86 8.81 -14.13
CA ALA B 533 12.98 9.72 -14.35
C ALA B 533 14.18 9.29 -13.51
N THR B 534 13.98 9.18 -12.19
CA THR B 534 15.09 8.83 -11.30
C THR B 534 15.70 7.49 -11.67
N ALA B 535 14.88 6.54 -12.11
CA ALA B 535 15.30 5.17 -12.34
C ALA B 535 16.04 5.00 -13.66
N TYR B 536 15.92 5.95 -14.59
CA TYR B 536 16.86 5.87 -15.71
C TYR B 536 18.23 6.48 -15.41
N THR B 537 18.41 7.14 -14.27
CA THR B 537 19.71 7.74 -13.98
C THR B 537 20.87 6.75 -13.89
N PRO B 538 20.72 5.51 -13.43
CA PRO B 538 21.87 4.58 -13.45
C PRO B 538 22.42 4.34 -14.84
N PHE B 539 21.67 4.67 -15.87
CA PHE B 539 22.06 4.36 -17.24
C PHE B 539 22.97 5.42 -17.84
N VAL B 540 23.07 6.60 -17.23
CA VAL B 540 23.78 7.69 -17.87
C VAL B 540 25.29 7.54 -17.72
N ASP B 541 25.76 7.02 -16.58
CA ASP B 541 27.19 7.02 -16.33
C ASP B 541 27.57 6.12 -15.14
N ASN B 542 27.36 6.62 -13.92
CA ASN B 542 27.91 5.98 -12.72
C ASN B 542 27.28 4.62 -12.41
N GLY B 543 26.08 4.35 -12.90
CA GLY B 543 25.38 3.14 -12.49
C GLY B 543 24.71 3.23 -11.14
N ASP B 544 24.77 4.38 -10.48
CA ASP B 544 24.08 4.56 -9.21
C ASP B 544 22.64 5.01 -9.44
N LEU B 545 21.80 4.74 -8.44
CA LEU B 545 20.45 5.28 -8.41
C LEU B 545 20.53 6.58 -7.62
N VAL B 546 20.50 7.71 -8.33
CA VAL B 546 20.71 9.00 -7.67
C VAL B 546 19.50 9.34 -6.82
N LYS B 547 19.75 9.91 -5.64
CA LYS B 547 18.66 10.51 -4.88
C LYS B 547 18.19 11.77 -5.60
N PRO B 548 16.90 11.87 -5.93
CA PRO B 548 16.39 13.12 -6.50
C PRO B 548 16.18 14.16 -5.41
N THR B 549 16.21 15.43 -5.82
CA THR B 549 16.04 16.50 -4.84
C THR B 549 15.56 17.78 -5.52
N LEU B 550 14.81 18.57 -4.74
CA LEU B 550 14.37 19.91 -5.14
C LEU B 550 15.08 21.04 -4.42
N ILE B 551 15.90 20.75 -3.43
CA ILE B 551 16.49 21.77 -2.57
C ILE B 551 17.88 22.12 -3.07
N LYS B 552 18.12 23.41 -3.32
CA LYS B 552 19.42 23.90 -3.72
C LYS B 552 20.42 23.76 -2.58
N LYS B 553 21.60 23.21 -2.88
CA LYS B 553 22.65 23.03 -1.88
C LYS B 553 23.96 23.53 -2.44
N ASP B 554 24.69 24.31 -1.64
CA ASP B 554 25.96 24.88 -2.09
C ASP B 554 27.01 23.79 -2.30
N SER B 555 27.02 22.77 -1.43
CA SER B 555 28.03 21.73 -1.52
C SER B 555 27.91 20.95 -2.83
N GLN B 556 26.68 20.64 -3.25
CA GLN B 556 26.39 19.93 -4.50
C GLN B 556 26.96 18.52 -4.52
N THR B 557 27.30 17.96 -3.36
CA THR B 557 27.74 16.57 -3.27
C THR B 557 26.54 15.67 -3.47
N ALA B 558 26.43 15.08 -4.66
CA ALA B 558 25.26 14.29 -5.02
C ALA B 558 25.08 13.11 -4.08
N ASP B 559 23.83 12.86 -3.70
CA ASP B 559 23.47 11.76 -2.83
C ASP B 559 23.02 10.56 -3.65
N VAL B 560 23.33 9.36 -3.15
CA VAL B 560 22.97 8.11 -3.80
C VAL B 560 21.82 7.47 -3.04
N TRP B 561 20.85 6.94 -3.78
CA TRP B 561 19.72 6.24 -3.19
C TRP B 561 19.89 4.72 -3.23
N HIS B 562 20.51 4.18 -4.27
CA HIS B 562 21.02 2.81 -4.23
C HIS B 562 22.30 2.75 -5.06
N LYS B 563 23.37 2.22 -4.48
CA LYS B 563 24.65 2.14 -5.17
C LYS B 563 24.67 0.98 -6.16
N GLN B 564 25.40 1.18 -7.26
CA GLN B 564 25.77 0.13 -8.22
C GLN B 564 24.61 -0.83 -8.50
N VAL B 565 23.51 -0.26 -8.98
CA VAL B 565 22.37 -1.08 -9.37
C VAL B 565 22.55 -1.69 -10.75
N VAL B 566 23.38 -1.08 -11.59
CA VAL B 566 23.85 -1.68 -12.83
C VAL B 566 25.33 -1.36 -12.96
N THR B 567 26.08 -2.27 -13.56
CA THR B 567 27.51 -2.02 -13.75
C THR B 567 27.72 -1.02 -14.88
N LYS B 568 28.94 -0.47 -14.93
CA LYS B 568 29.26 0.50 -15.98
C LYS B 568 29.09 -0.11 -17.36
N GLU B 569 29.40 -1.41 -17.52
CA GLU B 569 29.27 -2.05 -18.82
C GLU B 569 27.83 -2.37 -19.13
N GLY B 570 27.05 -2.79 -18.12
CA GLY B 570 25.62 -2.90 -18.32
C GLY B 570 25.00 -1.57 -18.70
N ALA B 571 25.45 -0.49 -18.06
CA ALA B 571 24.98 0.84 -18.41
C ALA B 571 25.34 1.19 -19.86
N ALA B 572 26.56 0.86 -20.28
CA ALA B 572 26.97 1.16 -21.65
C ALA B 572 26.15 0.38 -22.67
N ASP B 573 25.89 -0.90 -22.40
CA ASP B 573 25.13 -1.73 -23.33
C ASP B 573 23.68 -1.26 -23.42
N ILE B 574 23.06 -0.99 -22.26
CA ILE B 574 21.70 -0.46 -22.24
C ILE B 574 21.66 0.89 -22.96
N THR B 575 22.70 1.70 -22.80
CA THR B 575 22.72 3.01 -23.46
C THR B 575 22.86 2.86 -24.97
N LYS B 576 23.64 1.87 -25.42
CA LYS B 576 23.67 1.55 -26.85
C LYS B 576 22.26 1.24 -27.37
N GLY B 577 21.53 0.40 -26.64
CA GLY B 577 20.17 0.08 -27.05
C GLY B 577 19.27 1.30 -27.10
N LEU B 578 19.28 2.11 -26.04
CA LEU B 578 18.41 3.28 -25.97
C LEU B 578 18.84 4.38 -26.94
N LYS B 579 20.11 4.42 -27.31
CA LYS B 579 20.56 5.28 -28.39
C LYS B 579 19.96 4.83 -29.72
N GLY B 580 19.97 3.52 -29.96
CA GLY B 580 19.32 3.00 -31.16
C GLY B 580 17.84 3.28 -31.20
N VAL B 581 17.18 3.31 -30.03
CA VAL B 581 15.74 3.59 -30.00
C VAL B 581 15.42 4.94 -30.64
N VAL B 582 16.31 5.91 -30.52
CA VAL B 582 16.08 7.25 -31.03
C VAL B 582 16.71 7.45 -32.40
N GLU B 583 17.96 7.02 -32.57
CA GLU B 583 18.73 7.35 -33.75
C GLU B 583 18.52 6.39 -34.92
N ASP B 584 18.25 5.12 -34.63
CA ASP B 584 18.00 4.14 -35.68
C ASP B 584 16.62 4.34 -36.30
N GLU B 585 16.52 4.03 -37.59
CA GLU B 585 15.27 4.22 -38.32
C GLU B 585 14.20 3.23 -37.86
N ARG B 586 14.61 2.08 -37.34
CA ARG B 586 13.66 1.12 -36.79
C ARG B 586 13.12 1.53 -35.42
N GLY B 587 13.70 2.57 -34.80
CA GLY B 587 13.34 2.90 -33.44
C GLY B 587 12.02 3.62 -33.32
N SER B 588 11.33 3.36 -32.21
CA SER B 588 10.03 3.97 -31.95
C SER B 588 10.15 5.45 -31.59
N ALA B 589 11.32 5.89 -31.15
CA ALA B 589 11.58 7.31 -30.88
C ALA B 589 12.40 7.94 -31.99
N TYR B 590 12.07 7.62 -33.25
CA TYR B 590 12.79 8.10 -34.40
C TYR B 590 12.00 9.09 -35.24
N GLN B 591 10.67 8.99 -35.24
CA GLN B 591 9.85 9.67 -36.25
C GLN B 591 10.12 11.16 -36.37
N PRO B 592 10.10 11.98 -35.30
CA PRO B 592 10.48 13.39 -35.47
C PRO B 592 11.99 13.56 -35.40
N VAL B 593 12.67 13.40 -36.53
CA VAL B 593 14.13 13.50 -36.55
C VAL B 593 14.54 14.91 -36.15
N VAL B 594 15.48 14.99 -35.20
CA VAL B 594 15.96 16.25 -34.66
C VAL B 594 17.47 16.29 -34.80
N LYS B 595 17.97 17.26 -35.58
CA LYS B 595 19.40 17.40 -35.78
C LYS B 595 20.02 18.16 -34.62
N GLY B 596 21.16 17.65 -34.12
CA GLY B 596 21.89 18.24 -33.02
C GLY B 596 21.74 17.50 -31.71
N ILE B 597 20.57 16.89 -31.48
CA ILE B 597 20.32 16.19 -30.22
C ILE B 597 21.22 14.96 -30.12
N THR B 598 21.58 14.62 -28.88
CA THR B 598 22.31 13.38 -28.56
C THR B 598 21.53 12.71 -27.43
N VAL B 599 20.42 12.07 -27.77
CA VAL B 599 19.45 11.60 -26.81
C VAL B 599 19.25 10.11 -26.98
N ALA B 600 19.45 9.36 -25.90
CA ALA B 600 19.07 7.95 -25.83
C ALA B 600 17.83 7.84 -24.96
N GLY B 601 16.80 7.17 -25.48
CA GLY B 601 15.54 7.13 -24.79
C GLY B 601 14.74 5.86 -24.94
N LYS B 602 13.51 5.87 -24.44
CA LYS B 602 12.62 4.72 -24.48
C LYS B 602 11.19 5.21 -24.44
N THR B 603 10.32 4.56 -25.21
CA THR B 603 8.90 4.91 -25.24
C THR B 603 8.08 3.81 -24.57
N GLY B 604 6.83 4.14 -24.31
CA GLY B 604 5.91 3.18 -23.71
C GLY B 604 4.48 3.57 -24.00
N THR B 605 3.61 2.56 -24.06
CA THR B 605 2.19 2.80 -24.24
C THR B 605 1.42 1.85 -23.35
N ALA B 606 0.43 2.37 -22.64
CA ALA B 606 -0.35 1.61 -21.67
C ALA B 606 -1.83 1.74 -22.00
N GLU B 607 -2.50 0.61 -22.17
CA GLU B 607 -3.91 0.59 -22.56
C GLU B 607 -4.79 0.61 -21.31
N LEU B 608 -5.65 1.62 -21.22
CA LEU B 608 -6.55 1.75 -20.08
C LEU B 608 -7.90 1.09 -20.35
N GLY B 617 -11.41 1.94 -25.11
CA GLY B 617 -10.40 2.28 -24.14
C GLY B 617 -9.34 3.24 -24.66
N THR B 618 -8.81 4.07 -23.77
CA THR B 618 -7.77 5.02 -24.12
C THR B 618 -6.40 4.41 -23.87
N GLU B 619 -5.35 5.19 -24.12
CA GLU B 619 -4.00 4.72 -23.83
C GLU B 619 -3.12 5.91 -23.48
N ASN B 620 -2.20 5.67 -22.55
CA ASN B 620 -1.23 6.66 -22.11
C ASN B 620 0.11 6.42 -22.79
N GLY B 621 0.82 7.51 -23.06
CA GLY B 621 2.10 7.45 -23.74
C GLY B 621 3.23 7.96 -22.86
N TRP B 622 4.38 7.31 -22.97
CA TRP B 622 5.57 7.60 -22.16
C TRP B 622 6.77 7.80 -23.07
N PHE B 623 7.59 8.80 -22.73
CA PHE B 623 8.95 8.85 -23.24
C PHE B 623 9.90 9.24 -22.11
N VAL B 624 11.01 8.51 -21.99
CA VAL B 624 12.03 8.81 -21.00
C VAL B 624 13.36 8.84 -21.73
N GLY B 625 14.08 9.96 -21.65
CA GLY B 625 15.29 10.14 -22.42
C GLY B 625 16.36 10.85 -21.62
N TYR B 626 17.60 10.66 -22.08
CA TYR B 626 18.74 11.32 -21.45
C TYR B 626 19.83 11.58 -22.48
N ASP B 627 20.58 12.65 -22.24
CA ASP B 627 21.66 13.08 -23.12
C ASP B 627 22.91 12.29 -22.77
N TYR B 628 23.28 11.34 -23.63
CA TYR B 628 24.43 10.48 -23.36
C TYR B 628 25.76 11.19 -23.55
N GLU B 629 25.81 12.26 -24.34
CA GLU B 629 27.06 13.01 -24.50
C GLU B 629 27.31 13.90 -23.30
N ASN B 630 26.41 14.86 -23.05
CA ASN B 630 26.62 15.85 -22.00
C ASN B 630 26.27 15.32 -20.62
N LYS B 631 25.41 14.31 -20.52
CA LYS B 631 25.09 13.64 -19.25
C LYS B 631 24.54 14.61 -18.21
N ASP B 632 23.80 15.63 -18.66
CA ASP B 632 23.32 16.66 -17.75
C ASP B 632 21.84 16.97 -17.92
N LEU B 633 21.09 16.16 -18.68
CA LEU B 633 19.66 16.40 -18.79
C LEU B 633 18.95 15.09 -19.07
N LEU B 634 17.95 14.78 -18.25
CA LEU B 634 17.09 13.62 -18.41
C LEU B 634 15.64 14.10 -18.27
N VAL B 635 14.77 13.67 -19.18
CA VAL B 635 13.36 14.07 -19.12
C VAL B 635 12.48 12.84 -19.24
N ALA B 636 11.52 12.72 -18.34
CA ALA B 636 10.45 11.72 -18.42
C ALA B 636 9.13 12.46 -18.65
N MET B 637 8.29 11.89 -19.51
CA MET B 637 7.08 12.59 -19.92
C MET B 637 5.99 11.57 -20.17
N MET B 638 4.83 11.79 -19.54
CA MET B 638 3.68 10.93 -19.73
C MET B 638 2.49 11.80 -20.15
N ILE B 639 1.83 11.41 -21.23
CA ILE B 639 0.69 12.14 -21.76
C ILE B 639 -0.50 11.20 -21.89
N GLN B 640 -1.67 11.65 -21.45
CA GLN B 640 -2.89 10.87 -21.47
C GLN B 640 -3.66 11.13 -22.76
N ASN B 641 -4.47 10.13 -23.14
CA ASN B 641 -5.39 10.22 -24.27
C ASN B 641 -4.63 10.43 -25.59
N VAL B 642 -3.77 9.46 -25.92
CA VAL B 642 -3.00 9.47 -27.14
C VAL B 642 -3.36 8.31 -28.07
N GLN B 643 -4.47 7.62 -27.79
CA GLN B 643 -4.88 6.48 -28.59
C GLN B 643 -5.20 6.86 -30.03
N ASP B 644 -5.45 8.14 -30.29
CA ASP B 644 -5.80 8.60 -31.62
C ASP B 644 -4.88 9.71 -32.11
N ARG B 645 -3.92 10.15 -31.29
CA ARG B 645 -3.00 11.23 -31.65
C ARG B 645 -1.63 10.72 -32.04
N GLY B 646 -1.45 9.41 -32.20
CA GLY B 646 -0.18 8.83 -32.55
C GLY B 646 0.46 8.00 -31.45
N GLY B 647 -0.10 8.03 -30.24
CA GLY B 647 0.46 7.23 -29.17
C GLY B 647 1.81 7.76 -28.73
N SER B 648 2.79 6.86 -28.66
CA SER B 648 4.12 7.22 -28.19
C SER B 648 4.71 8.38 -28.98
N HIS B 649 4.49 8.38 -30.30
CA HIS B 649 5.04 9.42 -31.16
C HIS B 649 4.54 10.81 -30.77
N TYR B 650 3.38 10.90 -30.12
CA TYR B 650 2.88 12.21 -29.70
C TYR B 650 3.71 12.79 -28.56
N VAL B 651 4.31 11.92 -27.74
CA VAL B 651 5.16 12.37 -26.65
C VAL B 651 6.58 12.58 -27.11
N VAL B 652 7.08 11.67 -27.96
CA VAL B 652 8.44 11.77 -28.49
C VAL B 652 8.68 13.14 -29.10
N GLU B 653 7.80 13.56 -30.01
CA GLU B 653 7.93 14.87 -30.64
C GLU B 653 8.05 15.97 -29.60
N LYS B 654 7.28 15.89 -28.51
CA LYS B 654 7.30 16.92 -27.49
C LYS B 654 8.54 16.85 -26.60
N ALA B 655 9.20 15.70 -26.54
CA ALA B 655 10.29 15.51 -25.59
C ALA B 655 11.67 15.77 -26.18
N LYS B 656 11.93 15.31 -27.40
CA LYS B 656 13.20 15.58 -28.05
C LYS B 656 13.52 17.07 -28.07
N LYS B 657 12.49 17.90 -28.27
CA LYS B 657 12.66 19.35 -28.31
C LYS B 657 13.29 19.91 -27.04
N GLN B 658 13.40 19.13 -25.97
CA GLN B 658 13.87 19.65 -24.69
C GLN B 658 15.39 19.57 -24.54
N PHE B 659 16.10 19.02 -25.52
CA PHE B 659 17.52 18.73 -25.39
C PHE B 659 18.36 19.67 -26.25
N GLN B 660 19.67 19.65 -25.99
CA GLN B 660 20.59 20.54 -26.69
C GLN B 660 20.61 20.27 -28.18
N SER B 661 20.45 21.33 -28.96
CA SER B 661 20.76 21.29 -30.38
C SER B 661 22.19 21.74 -30.67
N ASN B 662 22.95 22.07 -29.62
CA ASN B 662 24.33 22.49 -29.77
C ASN B 662 25.28 21.30 -29.78
#